data_6GHV
#
_entry.id   6GHV
#
_cell.length_a   105.612
_cell.length_b   57.507
_cell.length_c   107.247
_cell.angle_alpha   90.00
_cell.angle_beta   118.67
_cell.angle_gamma   90.00
#
_symmetry.space_group_name_H-M   'P 1 21 1'
#
loop_
_entity.id
_entity.type
_entity.pdbx_description
1 polymer 'CD209 antigen'
2 non-polymer [1-[(2~{S},3~{S},4~{R},5~{S},6~{R})-2-[(1~{S},2~{S},4~{S},5~{S})-2-(2-chloroethyloxy)-4,5-bis[[4-(hydroxymethyl)phenyl]methylcarbamoyl]cyclohexyl]oxy-6-(hydroxymethyl)-4,5-bis(oxidanyl)oxan-3-yl]-1,2,3-triazol-4-yl]methylazanium
3 non-polymer 'CALCIUM ION'
4 non-polymer 'CHLORIDE ION'
5 water water
#
_entity_poly.entity_id   1
_entity_poly.type   'polypeptide(L)'
_entity_poly.pdbx_seq_one_letter_code
;ERLCHPCPWEWTFFQGNCYFMSNSQRNWHDSITACKEVGAQLVVIKSAEEQNFLQLQSSRSNRFTWMGLSDLNQEGTWQW
VDGSPLLPSFKQYWNRGEPNNVGEEDCAEFSGNGWNDDKCNLAKFWICKKSAASCSRDEEQFLSPAPATPNPPPA
;
_entity_poly.pdbx_strand_id   A,B,C,D,E,F
#
# COMPACT_ATOMS: atom_id res chain seq x y z
N CYS A 4 9.65 -30.93 -14.53
CA CYS A 4 8.23 -30.46 -14.59
C CYS A 4 8.15 -28.93 -14.64
N HIS A 5 8.02 -28.41 -15.86
CA HIS A 5 7.78 -27.01 -16.09
C HIS A 5 6.28 -26.75 -16.22
N PRO A 6 5.74 -25.74 -15.52
CA PRO A 6 4.29 -25.54 -15.66
C PRO A 6 3.84 -25.23 -17.11
N CYS A 7 4.72 -24.66 -17.91
CA CYS A 7 4.38 -24.27 -19.25
C CYS A 7 5.45 -24.69 -20.20
N PRO A 8 5.10 -24.75 -21.49
CA PRO A 8 6.09 -24.93 -22.53
C PRO A 8 7.07 -23.78 -22.58
N TRP A 9 8.29 -24.08 -22.98
CA TRP A 9 9.36 -23.13 -23.11
C TRP A 9 8.95 -21.87 -23.90
N GLU A 10 9.18 -20.72 -23.30
CA GLU A 10 8.96 -19.43 -23.91
C GLU A 10 7.56 -18.93 -23.69
N TRP A 11 6.67 -19.77 -23.15
CA TRP A 11 5.35 -19.35 -22.74
C TRP A 11 5.42 -18.75 -21.36
N THR A 12 4.45 -17.89 -21.07
CA THR A 12 4.38 -17.13 -19.84
C THR A 12 3.33 -17.78 -18.96
N PHE A 13 3.73 -18.15 -17.75
CA PHE A 13 2.82 -18.62 -16.73
C PHE A 13 2.07 -17.43 -16.10
N PHE A 14 0.76 -17.53 -15.98
CA PHE A 14 0.01 -16.55 -15.19
C PHE A 14 -1.22 -17.28 -14.63
N GLN A 15 -1.27 -17.34 -13.29
CA GLN A 15 -2.42 -17.83 -12.51
C GLN A 15 -2.97 -19.14 -13.01
N GLY A 16 -2.08 -20.11 -13.19
CA GLY A 16 -2.49 -21.47 -13.52
C GLY A 16 -2.70 -21.72 -14.97
N ASN A 17 -2.43 -20.72 -15.83
CA ASN A 17 -2.44 -20.95 -17.27
C ASN A 17 -1.14 -20.46 -17.93
N CYS A 18 -0.91 -20.95 -19.13
CA CYS A 18 0.23 -20.66 -19.96
C CYS A 18 -0.26 -19.84 -21.13
N TYR A 19 0.51 -18.81 -21.48
CA TYR A 19 0.19 -17.92 -22.57
C TYR A 19 1.32 -17.79 -23.52
N PHE A 20 0.99 -17.84 -24.80
CA PHE A 20 1.95 -17.55 -25.83
C PHE A 20 1.66 -16.22 -26.50
N MET A 21 2.66 -15.34 -26.58
CA MET A 21 2.49 -14.04 -27.18
C MET A 21 3.20 -14.13 -28.51
N SER A 22 2.47 -13.95 -29.59
CA SER A 22 3.12 -14.13 -30.87
C SER A 22 4.08 -12.98 -31.11
N ASN A 23 5.14 -13.23 -31.87
CA ASN A 23 5.99 -12.17 -32.37
CA ASN A 23 5.97 -12.12 -32.37
C ASN A 23 5.79 -11.92 -33.87
N SER A 24 4.67 -12.37 -34.40
CA SER A 24 4.31 -12.12 -35.81
C SER A 24 2.80 -11.95 -35.95
N GLN A 25 2.38 -11.57 -37.15
CA GLN A 25 1.00 -11.15 -37.34
C GLN A 25 0.27 -12.08 -38.29
N ARG A 26 -1.00 -12.31 -37.97
CA ARG A 26 -1.88 -13.23 -38.67
C ARG A 26 -3.30 -12.72 -38.56
N ASN A 27 -4.12 -13.00 -39.58
CA ASN A 27 -5.52 -12.71 -39.44
C ASN A 27 -6.08 -13.62 -38.34
N TRP A 28 -7.33 -13.36 -37.97
CA TRP A 28 -7.93 -13.96 -36.81
C TRP A 28 -8.11 -15.47 -37.01
N HIS A 29 -8.63 -15.88 -38.17
CA HIS A 29 -8.85 -17.31 -38.43
C HIS A 29 -7.53 -18.03 -38.46
N ASP A 30 -6.49 -17.42 -39.03
CA ASP A 30 -5.18 -18.15 -39.01
C ASP A 30 -4.51 -18.16 -37.60
N SER A 31 -4.95 -17.24 -36.72
CA SER A 31 -4.47 -17.16 -35.32
C SER A 31 -5.13 -18.27 -34.47
N ILE A 32 -6.40 -18.55 -34.79
CA ILE A 32 -7.11 -19.71 -34.27
C ILE A 32 -6.34 -20.99 -34.59
N THR A 33 -6.00 -21.14 -35.86
CA THR A 33 -5.25 -22.30 -36.34
C THR A 33 -3.89 -22.45 -35.62
N ALA A 34 -3.10 -21.39 -35.54
CA ALA A 34 -1.83 -21.42 -34.87
C ALA A 34 -1.95 -21.90 -33.39
N CYS A 35 -2.94 -21.39 -32.66
CA CYS A 35 -3.12 -21.76 -31.29
C CYS A 35 -3.44 -23.24 -31.17
N LYS A 36 -4.35 -23.74 -32.01
CA LYS A 36 -4.69 -25.19 -32.06
C LYS A 36 -3.58 -26.14 -32.47
N GLU A 37 -2.63 -25.69 -33.29
CA GLU A 37 -1.46 -26.48 -33.63
C GLU A 37 -0.45 -26.66 -32.47
N VAL A 38 -0.69 -25.97 -31.36
CA VAL A 38 0.14 -26.12 -30.17
C VAL A 38 -0.71 -26.49 -28.97
N GLY A 39 -1.85 -27.13 -29.22
CA GLY A 39 -2.75 -27.58 -28.17
C GLY A 39 -3.31 -26.47 -27.30
N ALA A 40 -3.56 -25.32 -27.92
CA ALA A 40 -4.06 -24.17 -27.16
C ALA A 40 -5.24 -23.50 -27.86
N GLN A 41 -5.72 -22.43 -27.26
CA GLN A 41 -6.84 -21.70 -27.75
CA GLN A 41 -6.86 -21.72 -27.76
C GLN A 41 -6.53 -20.22 -27.85
N LEU A 42 -7.02 -19.57 -28.90
CA LEU A 42 -6.87 -18.14 -29.05
C LEU A 42 -7.57 -17.56 -27.83
N VAL A 43 -6.90 -16.64 -27.16
CA VAL A 43 -7.15 -16.42 -25.73
C VAL A 43 -8.58 -16.00 -25.32
N VAL A 44 -9.16 -16.84 -24.48
CA VAL A 44 -10.47 -16.63 -23.90
C VAL A 44 -10.23 -16.11 -22.48
N ILE A 45 -10.80 -14.95 -22.19
CA ILE A 45 -10.62 -14.31 -20.92
C ILE A 45 -11.75 -14.68 -19.96
N LYS A 46 -11.36 -15.12 -18.76
CA LYS A 46 -12.27 -15.63 -17.73
C LYS A 46 -12.35 -14.74 -16.49
N SER A 47 -11.40 -13.81 -16.26
CA SER A 47 -11.42 -12.98 -15.06
C SER A 47 -10.86 -11.57 -15.26
N ALA A 48 -11.21 -10.66 -14.34
CA ALA A 48 -10.65 -9.30 -14.37
C ALA A 48 -9.15 -9.26 -14.28
N GLU A 49 -8.55 -10.15 -13.49
CA GLU A 49 -7.09 -10.13 -13.28
CA GLU A 49 -7.11 -10.11 -13.29
C GLU A 49 -6.41 -10.58 -14.58
N GLU A 50 -7.03 -11.52 -15.26
CA GLU A 50 -6.52 -12.06 -16.50
C GLU A 50 -6.59 -11.00 -17.60
N GLN A 51 -7.74 -10.35 -17.68
CA GLN A 51 -7.93 -9.22 -18.59
C GLN A 51 -6.87 -8.14 -18.37
N ASN A 52 -6.56 -7.87 -17.12
CA ASN A 52 -5.63 -6.80 -16.78
C ASN A 52 -4.23 -7.14 -17.26
N PHE A 53 -3.85 -8.40 -17.03
CA PHE A 53 -2.61 -8.97 -17.51
C PHE A 53 -2.50 -8.92 -19.04
N LEU A 54 -3.53 -9.38 -19.76
CA LEU A 54 -3.48 -9.47 -21.20
C LEU A 54 -3.41 -8.08 -21.82
N GLN A 55 -4.28 -7.18 -21.36
CA GLN A 55 -4.36 -5.82 -21.82
C GLN A 55 -3.02 -5.10 -21.69
N LEU A 56 -2.34 -5.33 -20.58
CA LEU A 56 -1.04 -4.77 -20.34
C LEU A 56 -0.05 -5.09 -21.43
N GLN A 57 0.02 -6.37 -21.82
CA GLN A 57 0.87 -6.84 -22.91
C GLN A 57 0.78 -5.94 -24.12
N SER A 58 -0.45 -5.55 -24.49
CA SER A 58 -0.70 -4.73 -25.67
C SER A 58 -0.57 -3.23 -25.41
N SER A 59 -1.05 -2.75 -24.28
CA SER A 59 -0.96 -1.31 -24.04
C SER A 59 0.52 -0.90 -23.94
N ARG A 60 1.35 -1.77 -23.38
CA ARG A 60 2.76 -1.48 -23.16
C ARG A 60 3.62 -1.66 -24.44
N SER A 61 3.30 -2.66 -25.23
CA SER A 61 4.02 -2.93 -26.42
C SER A 61 3.49 -2.07 -27.58
N ASN A 62 2.34 -1.44 -27.41
CA ASN A 62 1.62 -0.73 -28.47
C ASN A 62 1.28 -1.60 -29.67
N ARG A 63 1.05 -2.88 -29.45
CA ARG A 63 0.66 -3.81 -30.47
C ARG A 63 -0.85 -4.17 -30.47
N PHE A 64 -1.43 -4.28 -31.65
CA PHE A 64 -2.79 -4.77 -31.78
C PHE A 64 -2.75 -6.30 -31.81
N THR A 65 -3.57 -6.91 -30.95
CA THR A 65 -3.48 -8.32 -30.63
C THR A 65 -4.86 -8.98 -30.57
N TRP A 66 -5.04 -10.09 -31.28
CA TRP A 66 -6.36 -10.74 -31.38
C TRP A 66 -6.61 -11.48 -30.09
N MET A 67 -7.88 -11.56 -29.70
CA MET A 67 -8.28 -12.49 -28.63
C MET A 67 -9.35 -13.38 -29.24
N GLY A 68 -9.74 -14.41 -28.48
CA GLY A 68 -10.65 -15.42 -28.96
C GLY A 68 -12.10 -15.04 -28.82
N LEU A 69 -12.46 -13.91 -29.38
CA LEU A 69 -13.79 -13.40 -29.19
C LEU A 69 -14.28 -12.89 -30.53
N SER A 70 -15.52 -13.20 -30.88
CA SER A 70 -16.10 -12.84 -32.20
C SER A 70 -17.60 -12.80 -32.21
N ASP A 71 -18.12 -12.18 -33.28
CA ASP A 71 -19.56 -12.08 -33.50
C ASP A 71 -19.81 -12.38 -34.96
N LEU A 72 -18.89 -13.19 -35.50
CA LEU A 72 -18.99 -13.72 -36.83
C LEU A 72 -20.28 -14.52 -36.99
N ASN A 73 -20.62 -15.35 -36.00
CA ASN A 73 -21.77 -16.23 -36.16
CA ASN A 73 -21.76 -16.22 -36.18
C ASN A 73 -23.05 -15.40 -36.22
N GLN A 74 -23.21 -14.49 -35.28
CA GLN A 74 -24.43 -13.69 -35.24
C GLN A 74 -24.06 -12.29 -34.81
N GLU A 75 -24.29 -11.36 -35.73
CA GLU A 75 -23.89 -9.97 -35.54
C GLU A 75 -24.46 -9.40 -34.24
N GLY A 76 -23.62 -8.85 -33.40
CA GLY A 76 -24.10 -8.35 -32.13
C GLY A 76 -24.01 -9.35 -30.99
N THR A 77 -23.81 -10.62 -31.30
CA THR A 77 -23.67 -11.58 -30.25
C THR A 77 -22.22 -11.97 -30.15
N TRP A 78 -21.58 -11.47 -29.11
CA TRP A 78 -20.17 -11.74 -28.89
C TRP A 78 -19.97 -13.02 -28.12
N GLN A 79 -19.21 -13.90 -28.71
CA GLN A 79 -19.08 -15.24 -28.21
C GLN A 79 -17.60 -15.59 -28.20
N TRP A 80 -17.08 -16.10 -27.09
CA TRP A 80 -15.69 -16.60 -27.01
C TRP A 80 -15.58 -17.89 -27.86
N VAL A 81 -14.39 -18.21 -28.36
CA VAL A 81 -14.22 -19.40 -29.13
C VAL A 81 -14.46 -20.72 -28.38
N ASP A 82 -14.62 -20.68 -27.05
CA ASP A 82 -14.98 -21.88 -26.32
C ASP A 82 -16.50 -22.04 -26.23
N GLY A 83 -17.23 -21.24 -26.98
CA GLY A 83 -18.68 -21.34 -27.00
C GLY A 83 -19.39 -20.43 -26.02
N SER A 84 -18.70 -19.95 -25.01
CA SER A 84 -19.36 -19.19 -23.97
C SER A 84 -19.62 -17.74 -24.45
N PRO A 85 -20.70 -17.14 -23.98
CA PRO A 85 -21.04 -15.77 -24.32
C PRO A 85 -20.32 -14.72 -23.49
N LEU A 86 -20.19 -13.53 -24.06
CA LEU A 86 -19.56 -12.44 -23.35
C LEU A 86 -20.44 -12.01 -22.20
N LEU A 87 -19.94 -12.19 -20.97
CA LEU A 87 -20.68 -11.78 -19.79
C LEU A 87 -20.84 -10.28 -19.72
N PRO A 88 -22.00 -9.79 -19.23
CA PRO A 88 -22.23 -8.38 -18.99
C PRO A 88 -21.14 -7.67 -18.19
N SER A 89 -20.61 -8.30 -17.15
CA SER A 89 -19.55 -7.67 -16.38
C SER A 89 -18.29 -7.34 -17.20
N PHE A 90 -18.14 -7.93 -18.39
CA PHE A 90 -16.96 -7.71 -19.23
C PHE A 90 -17.09 -6.63 -20.28
N LYS A 91 -18.33 -6.23 -20.56
CA LYS A 91 -18.59 -5.24 -21.60
C LYS A 91 -17.92 -3.88 -21.27
N GLN A 92 -17.59 -3.68 -20.02
CA GLN A 92 -16.88 -2.49 -19.61
C GLN A 92 -15.51 -2.35 -20.31
N TYR A 93 -14.90 -3.48 -20.67
CA TYR A 93 -13.59 -3.43 -21.29
C TYR A 93 -13.55 -2.96 -22.74
N TRP A 94 -14.67 -2.92 -23.42
CA TRP A 94 -14.71 -2.30 -24.72
C TRP A 94 -14.13 -0.87 -24.63
N ASN A 95 -13.35 -0.45 -25.62
CA ASN A 95 -13.03 0.96 -25.72
C ASN A 95 -14.31 1.74 -25.91
N ARG A 96 -14.25 3.03 -25.60
CA ARG A 96 -15.42 3.92 -25.73
C ARG A 96 -15.93 3.91 -27.18
N GLY A 97 -17.24 3.79 -27.34
CA GLY A 97 -17.85 3.69 -28.70
C GLY A 97 -17.79 2.31 -29.33
N GLU A 98 -17.15 1.34 -28.68
CA GLU A 98 -17.00 0.02 -29.26
C GLU A 98 -17.91 -0.96 -28.52
N PRO A 99 -18.35 -2.06 -29.17
CA PRO A 99 -17.97 -2.41 -30.55
C PRO A 99 -18.95 -1.76 -31.48
N ASN A 100 -18.49 -1.33 -32.64
CA ASN A 100 -19.32 -0.49 -33.49
C ASN A 100 -19.53 -1.10 -34.87
N ASN A 101 -18.90 -2.23 -35.15
CA ASN A 101 -19.10 -3.00 -36.38
C ASN A 101 -18.84 -2.20 -37.64
N VAL A 102 -18.02 -1.14 -37.55
CA VAL A 102 -17.84 -0.26 -38.72
C VAL A 102 -17.06 -0.96 -39.85
N GLY A 103 -17.70 -1.05 -41.00
CA GLY A 103 -17.11 -1.78 -42.12
C GLY A 103 -17.17 -3.29 -41.98
N GLU A 104 -18.06 -3.75 -41.08
CA GLU A 104 -18.14 -5.15 -40.66
C GLU A 104 -16.89 -5.62 -39.95
N GLU A 105 -16.93 -5.56 -38.61
CA GLU A 105 -15.82 -5.93 -37.71
C GLU A 105 -16.41 -6.96 -36.78
N ASP A 106 -16.02 -8.20 -36.99
CA ASP A 106 -16.52 -9.31 -36.20
C ASP A 106 -15.46 -10.01 -35.32
N CYS A 107 -14.31 -9.38 -35.18
CA CYS A 107 -13.24 -9.99 -34.35
C CYS A 107 -12.69 -9.01 -33.35
N ALA A 108 -12.43 -9.49 -32.15
CA ALA A 108 -12.05 -8.63 -31.04
C ALA A 108 -10.54 -8.63 -30.85
N GLU A 109 -10.00 -7.45 -30.55
CA GLU A 109 -8.58 -7.25 -30.40
C GLU A 109 -8.31 -6.40 -29.17
N PHE A 110 -7.13 -6.57 -28.60
CA PHE A 110 -6.64 -5.64 -27.64
C PHE A 110 -6.12 -4.44 -28.39
N SER A 111 -6.59 -3.25 -28.01
CA SER A 111 -6.22 -2.04 -28.66
C SER A 111 -6.21 -0.83 -27.76
N GLY A 112 -5.01 -0.36 -27.42
CA GLY A 112 -4.86 0.68 -26.42
C GLY A 112 -5.11 0.12 -25.01
N ASN A 113 -6.03 0.75 -24.30
CA ASN A 113 -6.38 0.34 -22.94
C ASN A 113 -7.58 -0.61 -22.86
N GLY A 114 -8.27 -0.80 -23.96
CA GLY A 114 -9.43 -1.73 -24.00
C GLY A 114 -9.50 -2.60 -25.26
N TRP A 115 -10.72 -3.04 -25.55
CA TRP A 115 -11.00 -3.92 -26.66
C TRP A 115 -11.65 -3.12 -27.76
N ASN A 116 -11.41 -3.58 -28.98
CA ASN A 116 -12.06 -3.01 -30.15
C ASN A 116 -12.51 -4.14 -31.06
N ASP A 117 -13.58 -3.94 -31.81
CA ASP A 117 -13.90 -4.85 -32.89
C ASP A 117 -13.25 -4.38 -34.18
N ASP A 118 -12.55 -5.28 -34.87
CA ASP A 118 -11.88 -4.92 -36.11
C ASP A 118 -12.19 -6.00 -37.08
N LYS A 119 -11.71 -5.81 -38.31
CA LYS A 119 -11.94 -6.72 -39.42
C LYS A 119 -11.01 -7.93 -39.32
N CYS A 120 -11.61 -9.09 -39.52
CA CYS A 120 -11.04 -10.37 -39.18
C CYS A 120 -9.93 -10.77 -40.10
N ASN A 121 -9.90 -10.20 -41.31
CA ASN A 121 -8.90 -10.54 -42.29
C ASN A 121 -7.64 -9.70 -42.20
N LEU A 122 -7.60 -8.72 -41.31
CA LEU A 122 -6.35 -7.98 -41.03
C LEU A 122 -5.42 -8.80 -40.20
N ALA A 123 -4.15 -8.44 -40.28
CA ALA A 123 -3.05 -9.15 -39.68
C ALA A 123 -2.71 -8.48 -38.35
N LYS A 124 -2.78 -9.24 -37.27
CA LYS A 124 -2.46 -8.74 -35.94
C LYS A 124 -1.65 -9.74 -35.18
N PHE A 125 -1.02 -9.31 -34.10
CA PHE A 125 -0.39 -10.26 -33.17
C PHE A 125 -1.49 -11.04 -32.47
N TRP A 126 -1.13 -12.14 -31.82
CA TRP A 126 -2.12 -12.98 -31.14
C TRP A 126 -1.56 -13.66 -29.89
N ILE A 127 -2.46 -14.13 -29.05
CA ILE A 127 -2.09 -14.80 -27.80
C ILE A 127 -2.86 -16.10 -27.67
N CYS A 128 -2.13 -17.17 -27.47
CA CYS A 128 -2.75 -18.44 -27.17
C CYS A 128 -2.73 -18.69 -25.68
N LYS A 129 -3.70 -19.48 -25.23
CA LYS A 129 -3.84 -19.85 -23.85
C LYS A 129 -4.06 -21.36 -23.73
N LYS A 130 -3.39 -21.99 -22.76
CA LYS A 130 -3.76 -23.35 -22.31
C LYS A 130 -3.36 -23.59 -20.86
N SER A 131 -3.89 -24.64 -20.24
CA SER A 131 -3.65 -24.95 -18.81
C SER A 131 -2.20 -25.22 -18.51
N ALA A 132 -1.73 -24.76 -17.37
CA ALA A 132 -0.43 -25.19 -16.89
C ALA A 132 -0.50 -26.68 -16.67
N ALA A 133 0.63 -27.35 -16.68
CA ALA A 133 0.69 -28.76 -16.28
C ALA A 133 0.79 -28.77 -14.77
N SER A 134 0.40 -29.87 -14.13
CA SER A 134 0.56 -29.95 -12.67
C SER A 134 1.98 -30.34 -12.25
N CYS A 135 2.49 -29.63 -11.23
CA CYS A 135 3.82 -29.90 -10.67
C CYS A 135 3.73 -30.04 -9.13
N CYS B 4 8.55 -8.64 40.58
CA CYS B 4 7.64 -9.36 39.65
C CYS B 4 7.48 -8.61 38.34
N HIS B 5 7.82 -9.25 37.23
CA HIS B 5 7.56 -8.70 35.89
C HIS B 5 6.41 -9.44 35.25
N PRO B 6 5.41 -8.72 34.74
CA PRO B 6 4.33 -9.43 34.05
C PRO B 6 4.78 -10.29 32.87
N CYS B 7 5.82 -9.88 32.14
CA CYS B 7 6.24 -10.55 30.94
C CYS B 7 7.72 -10.76 30.96
N PRO B 8 8.22 -11.74 30.19
CA PRO B 8 9.66 -11.83 30.04
C PRO B 8 10.26 -10.58 29.39
N TRP B 9 11.54 -10.35 29.68
CA TRP B 9 12.29 -9.22 29.16
C TRP B 9 12.22 -9.17 27.64
N GLU B 10 11.85 -8.00 27.13
CA GLU B 10 11.76 -7.75 25.70
C GLU B 10 10.41 -8.11 25.09
N TRP B 11 9.54 -8.79 25.85
CA TRP B 11 8.17 -8.98 25.39
C TRP B 11 7.31 -7.78 25.81
N THR B 12 6.27 -7.51 25.02
CA THR B 12 5.34 -6.45 25.25
C THR B 12 4.13 -7.01 25.99
N PHE B 13 3.74 -6.28 27.02
CA PHE B 13 2.53 -6.55 27.74
C PHE B 13 1.37 -5.82 27.10
N PHE B 14 0.28 -6.51 26.84
CA PHE B 14 -0.93 -5.83 26.41
C PHE B 14 -2.07 -6.61 26.99
N GLN B 15 -2.89 -5.90 27.78
CA GLN B 15 -4.09 -6.43 28.41
C GLN B 15 -4.02 -7.82 28.93
N GLY B 16 -3.02 -8.10 29.74
CA GLY B 16 -2.96 -9.33 30.50
C GLY B 16 -2.15 -10.40 29.82
N ASN B 17 -1.61 -10.09 28.63
CA ASN B 17 -0.86 -11.11 27.87
C ASN B 17 0.49 -10.55 27.43
N CYS B 18 1.40 -11.46 27.09
CA CYS B 18 2.72 -11.09 26.67
C CYS B 18 2.88 -11.44 25.19
N TYR B 19 3.44 -10.50 24.44
CA TYR B 19 3.65 -10.69 23.01
C TYR B 19 5.10 -10.52 22.63
N PHE B 20 5.54 -11.47 21.82
CA PHE B 20 6.87 -11.46 21.25
C PHE B 20 6.75 -11.12 19.77
N MET B 21 7.36 -10.02 19.35
CA MET B 21 7.39 -9.61 17.94
C MET B 21 8.73 -10.05 17.40
N SER B 22 8.73 -11.03 16.48
CA SER B 22 10.00 -11.52 15.89
C SER B 22 10.71 -10.39 15.14
N ASN B 23 12.01 -10.44 15.05
CA ASN B 23 12.77 -9.54 14.13
CA ASN B 23 12.76 -9.56 14.18
C ASN B 23 13.44 -10.33 13.01
N SER B 24 12.98 -11.56 12.80
CA SER B 24 13.34 -12.36 11.65
C SER B 24 12.08 -13.04 11.12
N GLN B 25 12.24 -13.75 10.01
CA GLN B 25 11.14 -14.30 9.24
C GLN B 25 11.22 -15.84 9.12
N ARG B 26 10.07 -16.50 9.19
CA ARG B 26 9.97 -17.92 9.03
C ARG B 26 8.64 -18.27 8.39
N ASN B 27 8.54 -19.51 7.95
CA ASN B 27 7.30 -19.97 7.35
C ASN B 27 6.32 -20.22 8.48
N TRP B 28 5.06 -20.42 8.16
CA TRP B 28 4.00 -20.47 9.13
C TRP B 28 4.27 -21.55 10.19
N HIS B 29 4.63 -22.76 9.76
CA HIS B 29 4.87 -23.89 10.59
C HIS B 29 6.13 -23.76 11.42
N ASP B 30 7.20 -23.21 10.87
CA ASP B 30 8.39 -22.95 11.66
C ASP B 30 8.11 -21.80 12.66
N SER B 31 7.22 -20.88 12.31
CA SER B 31 6.77 -19.87 13.29
C SER B 31 6.06 -20.45 14.54
N ILE B 32 5.19 -21.41 14.32
CA ILE B 32 4.54 -22.14 15.42
C ILE B 32 5.59 -22.75 16.37
N THR B 33 6.57 -23.41 15.79
CA THR B 33 7.61 -24.06 16.53
C THR B 33 8.44 -23.08 17.31
N ALA B 34 8.82 -21.99 16.64
CA ALA B 34 9.51 -20.88 17.36
C ALA B 34 8.74 -20.40 18.60
N CYS B 35 7.41 -20.26 18.47
CA CYS B 35 6.61 -19.86 19.65
C CYS B 35 6.62 -20.96 20.72
N LYS B 36 6.55 -22.25 20.32
CA LYS B 36 6.56 -23.36 21.29
C LYS B 36 7.86 -23.33 22.07
N GLU B 37 8.92 -22.93 21.40
CA GLU B 37 10.19 -22.95 22.04
C GLU B 37 10.28 -21.96 23.19
N VAL B 38 9.43 -20.93 23.19
CA VAL B 38 9.41 -19.95 24.28
C VAL B 38 8.15 -20.01 25.06
N GLY B 39 7.55 -21.18 25.11
CA GLY B 39 6.40 -21.42 25.95
C GLY B 39 5.16 -20.69 25.49
N ALA B 40 5.07 -20.45 24.19
CA ALA B 40 4.04 -19.56 23.72
C ALA B 40 3.32 -20.11 22.52
N GLN B 41 2.40 -19.34 22.00
CA GLN B 41 1.62 -19.77 20.87
CA GLN B 41 1.53 -19.76 20.90
C GLN B 41 1.62 -18.72 19.77
N LEU B 42 1.66 -19.16 18.52
CA LEU B 42 1.53 -18.23 17.41
C LEU B 42 0.18 -17.56 17.60
N VAL B 43 0.18 -16.24 17.50
CA VAL B 43 -0.86 -15.38 18.11
C VAL B 43 -2.27 -15.72 17.67
N VAL B 44 -3.11 -16.01 18.67
CA VAL B 44 -4.56 -16.21 18.52
C VAL B 44 -5.24 -14.96 19.07
N ILE B 45 -6.02 -14.29 18.25
CA ILE B 45 -6.64 -13.07 18.59
C ILE B 45 -8.04 -13.37 19.18
N LYS B 46 -8.36 -12.77 20.30
CA LYS B 46 -9.57 -13.08 21.02
C LYS B 46 -10.52 -11.89 21.13
N SER B 47 -10.06 -10.68 20.83
CA SER B 47 -10.86 -9.45 20.93
C SER B 47 -10.43 -8.37 19.96
N ALA B 48 -11.24 -7.33 19.88
CA ALA B 48 -11.13 -6.35 18.83
C ALA B 48 -9.96 -5.42 19.09
N GLU B 49 -9.80 -5.09 20.37
CA GLU B 49 -8.76 -4.24 20.87
CA GLU B 49 -8.76 -4.19 20.79
C GLU B 49 -7.42 -4.92 20.70
N GLU B 50 -7.41 -6.22 20.93
CA GLU B 50 -6.22 -7.02 20.61
C GLU B 50 -5.83 -6.99 19.12
N GLN B 51 -6.81 -7.21 18.26
CA GLN B 51 -6.61 -7.02 16.84
C GLN B 51 -6.04 -5.66 16.47
N ASN B 52 -6.60 -4.57 16.97
CA ASN B 52 -6.10 -3.22 16.61
C ASN B 52 -4.67 -3.08 17.09
N PHE B 53 -4.36 -3.61 18.25
CA PHE B 53 -3.00 -3.53 18.76
C PHE B 53 -2.05 -4.27 17.82
N LEU B 54 -2.38 -5.52 17.50
CA LEU B 54 -1.54 -6.36 16.62
C LEU B 54 -1.46 -5.86 15.15
N GLN B 55 -2.58 -5.41 14.61
CA GLN B 55 -2.60 -4.93 13.22
C GLN B 55 -1.61 -3.78 13.09
N LEU B 56 -1.71 -2.90 14.08
CA LEU B 56 -0.88 -1.72 14.22
C LEU B 56 0.61 -2.07 14.13
N GLN B 57 1.03 -3.16 14.76
CA GLN B 57 2.45 -3.58 14.66
C GLN B 57 2.89 -3.72 13.21
N SER B 58 2.00 -4.21 12.37
CA SER B 58 2.32 -4.45 10.97
C SER B 58 2.04 -3.27 10.04
N SER B 59 0.93 -2.56 10.24
CA SER B 59 0.60 -1.41 9.37
C SER B 59 1.67 -0.34 9.49
N ARG B 60 2.15 -0.13 10.70
CA ARG B 60 3.14 0.89 11.02
C ARG B 60 4.52 0.47 10.52
N SER B 61 4.82 -0.82 10.58
CA SER B 61 6.15 -1.27 10.12
C SER B 61 6.25 -1.56 8.62
N ASN B 62 5.12 -1.56 7.93
CA ASN B 62 5.03 -2.03 6.55
C ASN B 62 5.51 -3.49 6.35
N ARG B 63 5.43 -4.30 7.41
CA ARG B 63 5.88 -5.66 7.36
C ARG B 63 4.72 -6.65 7.39
N PHE B 64 4.96 -7.84 6.86
CA PHE B 64 3.98 -8.93 6.82
C PHE B 64 4.27 -9.90 7.91
N THR B 65 3.22 -10.33 8.62
CA THR B 65 3.35 -10.97 9.93
C THR B 65 2.32 -12.10 10.06
N TRP B 66 2.81 -13.32 10.28
CA TRP B 66 1.91 -14.43 10.51
C TRP B 66 1.09 -14.25 11.78
N MET B 67 -0.16 -14.65 11.72
CA MET B 67 -0.94 -14.97 12.93
C MET B 67 -1.26 -16.49 12.98
N GLY B 68 -1.77 -16.98 14.12
CA GLY B 68 -2.03 -18.41 14.32
C GLY B 68 -3.38 -18.83 13.79
N LEU B 69 -3.62 -18.55 12.52
CA LEU B 69 -4.91 -18.81 11.90
C LEU B 69 -4.71 -19.45 10.50
N SER B 70 -5.44 -20.53 10.21
CA SER B 70 -5.31 -21.24 8.93
C SER B 70 -6.57 -21.97 8.45
N ASP B 71 -6.65 -22.17 7.14
CA ASP B 71 -7.64 -23.07 6.58
C ASP B 71 -7.01 -24.30 5.91
N LEU B 72 -5.80 -24.66 6.35
CA LEU B 72 -5.11 -25.84 5.91
C LEU B 72 -5.98 -27.12 6.05
N ASN B 73 -6.57 -27.29 7.21
CA ASN B 73 -7.34 -28.49 7.52
CA ASN B 73 -7.34 -28.48 7.49
C ASN B 73 -8.61 -28.53 6.65
N GLN B 74 -9.37 -27.44 6.61
CA GLN B 74 -10.63 -27.33 5.85
C GLN B 74 -10.71 -26.06 5.03
N GLU B 75 -10.53 -26.16 3.71
CA GLU B 75 -10.49 -24.98 2.85
C GLU B 75 -11.71 -24.14 3.09
N GLY B 76 -11.53 -22.85 3.33
CA GLY B 76 -12.66 -21.91 3.48
C GLY B 76 -13.17 -21.76 4.91
N THR B 77 -12.78 -22.68 5.81
CA THR B 77 -13.16 -22.64 7.19
C THR B 77 -11.90 -22.43 8.03
N TRP B 78 -11.76 -21.20 8.54
CA TRP B 78 -10.53 -20.74 9.21
C TRP B 78 -10.63 -21.03 10.70
N GLN B 79 -9.52 -21.50 11.24
CA GLN B 79 -9.43 -21.98 12.58
C GLN B 79 -8.14 -21.48 13.21
N TRP B 80 -8.24 -21.06 14.45
CA TRP B 80 -7.08 -20.63 15.21
C TRP B 80 -6.30 -21.83 15.67
N VAL B 81 -5.01 -21.67 15.87
CA VAL B 81 -4.19 -22.83 16.22
C VAL B 81 -4.50 -23.42 17.60
N ASP B 82 -5.27 -22.73 18.44
CA ASP B 82 -5.79 -23.33 19.67
C ASP B 82 -7.08 -24.13 19.41
N GLY B 83 -7.60 -24.13 18.19
CA GLY B 83 -8.76 -24.93 17.88
C GLY B 83 -10.00 -24.10 17.73
N SER B 84 -9.93 -22.86 18.20
CA SER B 84 -11.15 -22.05 18.23
C SER B 84 -11.50 -21.65 16.76
N PRO B 85 -12.75 -21.38 16.48
CA PRO B 85 -13.20 -20.95 15.16
C PRO B 85 -12.95 -19.47 14.92
N LEU B 86 -12.91 -19.07 13.65
CA LEU B 86 -12.97 -17.69 13.31
C LEU B 86 -14.39 -17.24 13.48
N LEU B 87 -14.63 -16.34 14.40
CA LEU B 87 -15.98 -15.82 14.66
C LEU B 87 -16.42 -14.81 13.61
N PRO B 88 -17.74 -14.74 13.33
CA PRO B 88 -18.21 -13.89 12.25
C PRO B 88 -17.89 -12.45 12.45
N SER B 89 -17.83 -12.03 13.71
CA SER B 89 -17.50 -10.62 13.98
C SER B 89 -16.04 -10.27 13.60
N PHE B 90 -15.17 -11.27 13.38
CA PHE B 90 -13.76 -11.02 12.99
C PHE B 90 -13.56 -10.96 11.47
N LYS B 91 -14.57 -11.39 10.70
CA LYS B 91 -14.38 -11.51 9.25
C LYS B 91 -14.18 -10.14 8.64
N GLN B 92 -14.72 -9.12 9.29
CA GLN B 92 -14.51 -7.76 8.86
C GLN B 92 -13.02 -7.37 8.72
N TYR B 93 -12.11 -8.05 9.44
CA TYR B 93 -10.67 -7.71 9.35
C TYR B 93 -9.92 -8.18 8.08
N TRP B 94 -10.44 -9.15 7.36
CA TRP B 94 -9.88 -9.50 6.08
C TRP B 94 -9.81 -8.27 5.21
N ASN B 95 -8.67 -8.02 4.55
CA ASN B 95 -8.60 -6.99 3.54
C ASN B 95 -9.67 -7.27 2.45
N ARG B 96 -10.02 -6.21 1.74
CA ARG B 96 -11.00 -6.30 0.67
C ARG B 96 -10.56 -7.34 -0.36
N GLY B 97 -11.47 -8.24 -0.68
CA GLY B 97 -11.25 -9.32 -1.62
C GLY B 97 -10.64 -10.56 -0.96
N GLU B 98 -10.38 -10.54 0.35
CA GLU B 98 -9.75 -11.69 0.98
C GLU B 98 -10.77 -12.42 1.83
N PRO B 99 -10.53 -13.68 2.18
CA PRO B 99 -9.48 -14.56 1.66
C PRO B 99 -9.85 -15.05 0.27
N ASN B 100 -8.91 -15.10 -0.65
CA ASN B 100 -9.20 -15.46 -2.03
C ASN B 100 -8.58 -16.82 -2.39
N ASN B 101 -7.75 -17.42 -1.53
CA ASN B 101 -7.15 -18.72 -1.85
C ASN B 101 -6.36 -18.73 -3.17
N VAL B 102 -5.95 -17.58 -3.65
CA VAL B 102 -5.32 -17.53 -4.95
C VAL B 102 -4.02 -18.34 -5.02
N GLY B 103 -4.01 -19.38 -5.85
CA GLY B 103 -2.87 -20.28 -5.93
C GLY B 103 -2.74 -21.21 -4.73
N GLU B 104 -3.81 -21.32 -3.93
CA GLU B 104 -3.78 -22.07 -2.64
C GLU B 104 -3.07 -21.28 -1.56
N GLU B 105 -3.85 -20.59 -0.73
CA GLU B 105 -3.30 -19.79 0.35
C GLU B 105 -4.01 -20.26 1.55
N ASP B 106 -3.28 -20.82 2.50
CA ASP B 106 -3.97 -21.40 3.69
C ASP B 106 -3.54 -20.84 5.07
N CYS B 107 -2.60 -19.87 5.13
CA CYS B 107 -2.21 -19.25 6.39
C CYS B 107 -2.48 -17.76 6.41
N ALA B 108 -2.96 -17.26 7.54
CA ALA B 108 -3.32 -15.81 7.65
C ALA B 108 -2.19 -14.91 8.11
N GLU B 109 -2.08 -13.78 7.43
CA GLU B 109 -1.07 -12.73 7.75
C GLU B 109 -1.73 -11.35 8.04
N PHE B 110 -1.12 -10.55 8.90
CA PHE B 110 -1.34 -9.08 8.97
C PHE B 110 -0.66 -8.48 7.77
N SER B 111 -1.41 -7.77 6.94
CA SER B 111 -0.90 -7.16 5.72
C SER B 111 -1.57 -5.80 5.49
N GLY B 112 -0.85 -4.72 5.69
CA GLY B 112 -1.43 -3.37 5.61
C GLY B 112 -2.36 -3.12 6.76
N ASN B 113 -3.61 -2.82 6.44
CA ASN B 113 -4.57 -2.47 7.48
C ASN B 113 -5.42 -3.60 8.01
N GLY B 114 -5.31 -4.77 7.36
CA GLY B 114 -6.08 -5.94 7.72
C GLY B 114 -5.33 -7.24 7.41
N TRP B 115 -6.11 -8.29 7.25
CA TRP B 115 -5.58 -9.65 7.05
C TRP B 115 -5.56 -10.11 5.63
N ASN B 116 -4.63 -10.99 5.31
CA ASN B 116 -4.66 -11.67 4.03
C ASN B 116 -4.39 -13.13 4.22
N ASP B 117 -4.91 -13.96 3.32
CA ASP B 117 -4.44 -15.34 3.27
C ASP B 117 -3.27 -15.38 2.30
N ASP B 118 -2.17 -16.04 2.69
CA ASP B 118 -1.01 -16.15 1.84
C ASP B 118 -0.48 -17.58 1.90
N LYS B 119 0.54 -17.87 1.09
CA LYS B 119 1.12 -19.23 1.05
C LYS B 119 1.91 -19.54 2.33
N CYS B 120 1.51 -20.64 2.97
CA CYS B 120 2.08 -21.09 4.23
C CYS B 120 3.62 -21.26 4.22
N ASN B 121 4.20 -21.51 3.06
CA ASN B 121 5.58 -21.84 2.96
C ASN B 121 6.46 -20.59 2.77
N LEU B 122 5.86 -19.41 2.68
CA LEU B 122 6.62 -18.16 2.65
C LEU B 122 7.13 -17.75 4.04
N ALA B 123 8.20 -17.01 4.01
CA ALA B 123 8.82 -16.49 5.22
C ALA B 123 8.21 -15.10 5.57
N LYS B 124 7.77 -14.95 6.81
CA LYS B 124 7.21 -13.70 7.30
C LYS B 124 7.65 -13.55 8.72
N PHE B 125 7.45 -12.36 9.27
CA PHE B 125 7.63 -12.10 10.70
C PHE B 125 6.53 -12.83 11.41
N TRP B 126 6.73 -13.11 12.69
CA TRP B 126 5.65 -13.75 13.40
C TRP B 126 5.47 -13.07 14.77
N ILE B 127 4.31 -13.30 15.38
CA ILE B 127 4.08 -12.91 16.77
C ILE B 127 3.61 -14.03 17.65
N CYS B 128 4.25 -14.19 18.81
CA CYS B 128 3.88 -15.18 19.81
C CYS B 128 3.14 -14.51 20.99
N LYS B 129 2.21 -15.26 21.59
CA LYS B 129 1.40 -14.79 22.72
C LYS B 129 1.43 -15.82 23.83
N LYS B 130 1.59 -15.34 25.04
CA LYS B 130 1.35 -16.13 26.25
C LYS B 130 0.87 -15.29 27.40
N SER B 131 0.39 -15.98 28.45
CA SER B 131 -0.12 -15.34 29.66
C SER B 131 0.89 -14.49 30.38
N ALA B 132 0.44 -13.35 30.88
CA ALA B 132 1.25 -12.54 31.81
C ALA B 132 1.25 -13.22 33.17
N ALA B 133 2.37 -13.11 33.88
CA ALA B 133 2.43 -13.46 35.31
C ALA B 133 1.60 -12.51 36.18
N SER B 134 1.10 -13.04 37.30
CA SER B 134 0.43 -12.27 38.36
C SER B 134 1.46 -11.51 39.19
N CYS B 135 1.21 -10.21 39.38
CA CYS B 135 2.05 -9.35 40.21
C CYS B 135 1.26 -8.82 41.41
N LEU C 3 16.57 -26.91 -30.92
CA LEU C 3 16.14 -25.48 -31.09
C LEU C 3 16.83 -24.58 -30.06
N CYS C 4 17.25 -23.39 -30.50
CA CYS C 4 17.83 -22.36 -29.63
C CYS C 4 16.71 -21.47 -29.05
N HIS C 5 16.75 -21.18 -27.76
CA HIS C 5 15.80 -20.22 -27.17
C HIS C 5 16.56 -19.03 -26.64
N PRO C 6 15.96 -17.82 -26.74
CA PRO C 6 16.63 -16.65 -26.21
C PRO C 6 16.98 -16.80 -24.75
N CYS C 7 16.05 -17.35 -23.98
CA CYS C 7 16.26 -17.47 -22.54
C CYS C 7 16.14 -18.92 -22.07
N PRO C 8 16.63 -19.22 -20.86
CA PRO C 8 16.37 -20.52 -20.32
C PRO C 8 14.91 -20.67 -19.96
N TRP C 9 14.52 -21.93 -19.81
CA TRP C 9 13.13 -22.30 -19.61
C TRP C 9 12.66 -21.66 -18.30
N GLU C 10 11.51 -21.02 -18.38
CA GLU C 10 10.89 -20.28 -17.26
C GLU C 10 11.39 -18.86 -17.01
N TRP C 11 12.52 -18.47 -17.62
CA TRP C 11 12.96 -17.10 -17.52
C TRP C 11 12.07 -16.31 -18.45
N THR C 12 11.90 -15.02 -18.14
CA THR C 12 11.14 -14.11 -18.99
C THR C 12 12.06 -13.30 -19.87
N PHE C 13 11.73 -13.23 -21.15
CA PHE C 13 12.50 -12.45 -22.10
C PHE C 13 12.01 -11.04 -21.99
N PHE C 14 12.89 -10.05 -21.85
CA PHE C 14 12.46 -8.65 -21.94
C PHE C 14 13.60 -7.80 -22.53
N GLN C 15 13.31 -7.22 -23.71
CA GLN C 15 14.22 -6.32 -24.43
C GLN C 15 15.65 -6.83 -24.48
N GLY C 16 15.79 -8.08 -24.88
CA GLY C 16 17.10 -8.69 -25.12
C GLY C 16 17.79 -9.28 -23.91
N ASN C 17 17.10 -9.28 -22.77
CA ASN C 17 17.65 -9.90 -21.57
C ASN C 17 16.62 -10.89 -21.03
N CYS C 18 17.10 -11.74 -20.16
CA CYS C 18 16.35 -12.80 -19.55
C CYS C 18 16.31 -12.53 -18.08
N TYR C 19 15.12 -12.61 -17.51
CA TYR C 19 14.89 -12.39 -16.11
C TYR C 19 14.32 -13.64 -15.42
N PHE C 20 14.97 -14.00 -14.32
CA PHE C 20 14.47 -15.00 -13.40
C PHE C 20 13.77 -14.32 -12.22
N MET C 21 12.49 -14.57 -12.06
CA MET C 21 11.73 -14.09 -10.92
C MET C 21 11.69 -15.24 -9.92
N SER C 22 12.31 -15.10 -8.76
CA SER C 22 12.30 -16.21 -7.77
C SER C 22 10.89 -16.46 -7.23
N ASN C 23 10.60 -17.66 -6.76
CA ASN C 23 9.34 -17.91 -6.07
CA ASN C 23 9.32 -17.86 -6.02
C ASN C 23 9.63 -18.26 -4.60
N SER C 24 10.87 -18.02 -4.15
CA SER C 24 11.17 -18.08 -2.72
C SER C 24 12.02 -16.85 -2.30
N GLN C 25 12.46 -16.83 -1.05
CA GLN C 25 13.05 -15.61 -0.49
C GLN C 25 14.44 -15.83 0.09
N ARG C 26 15.30 -14.84 -0.08
CA ARG C 26 16.68 -14.91 0.38
C ARG C 26 17.11 -13.53 0.79
N ASN C 27 18.08 -13.46 1.68
CA ASN C 27 18.67 -12.19 1.98
C ASN C 27 19.41 -11.71 0.75
N TRP C 28 19.84 -10.47 0.80
CA TRP C 28 20.43 -9.82 -0.37
C TRP C 28 21.70 -10.55 -0.87
N HIS C 29 22.53 -11.02 0.05
CA HIS C 29 23.82 -11.51 -0.29
C HIS C 29 23.66 -12.88 -0.88
N ASP C 30 22.77 -13.66 -0.31
CA ASP C 30 22.42 -14.93 -0.88
C ASP C 30 21.69 -14.81 -2.23
N SER C 31 20.95 -13.72 -2.44
CA SER C 31 20.29 -13.51 -3.74
C SER C 31 21.40 -13.26 -4.78
N ILE C 32 22.41 -12.51 -4.43
CA ILE C 32 23.49 -12.28 -5.33
C ILE C 32 24.13 -13.62 -5.74
N THR C 33 24.34 -14.48 -4.76
CA THR C 33 24.97 -15.76 -5.01
C THR C 33 24.11 -16.59 -5.93
N ALA C 34 22.82 -16.63 -5.63
CA ALA C 34 21.90 -17.43 -6.34
C ALA C 34 21.93 -17.02 -7.83
N CYS C 35 21.94 -15.75 -8.09
CA CYS C 35 22.04 -15.25 -9.48
C CYS C 35 23.38 -15.66 -10.13
N LYS C 36 24.52 -15.53 -9.43
CA LYS C 36 25.82 -15.89 -9.99
C LYS C 36 25.85 -17.35 -10.46
N GLU C 37 25.26 -18.22 -9.65
CA GLU C 37 25.31 -19.63 -9.88
C GLU C 37 24.49 -20.06 -11.11
N VAL C 38 23.60 -19.20 -11.60
CA VAL C 38 22.92 -19.50 -12.87
C VAL C 38 23.42 -18.60 -13.99
N GLY C 39 24.62 -18.04 -13.79
CA GLY C 39 25.25 -17.18 -14.76
C GLY C 39 24.60 -15.82 -14.98
N ALA C 40 23.96 -15.29 -13.95
CA ALA C 40 23.25 -14.02 -14.05
C ALA C 40 23.70 -13.13 -12.95
N GLN C 41 23.03 -11.98 -12.85
CA GLN C 41 23.33 -10.99 -11.86
C GLN C 41 22.05 -10.43 -11.21
N LEU C 42 22.11 -10.21 -9.90
CA LEU C 42 20.99 -9.59 -9.16
C LEU C 42 20.70 -8.26 -9.84
N VAL C 43 19.46 -8.12 -10.27
CA VAL C 43 19.13 -7.21 -11.33
C VAL C 43 19.63 -5.75 -11.20
N VAL C 44 20.32 -5.34 -12.27
CA VAL C 44 20.79 -3.99 -12.43
C VAL C 44 19.94 -3.29 -13.48
N ILE C 45 19.37 -2.14 -13.12
CA ILE C 45 18.41 -1.44 -13.99
C ILE C 45 19.14 -0.36 -14.81
N LYS C 46 18.87 -0.35 -16.13
CA LYS C 46 19.53 0.56 -17.09
C LYS C 46 18.58 1.56 -17.78
N SER C 47 17.27 1.26 -17.78
CA SER C 47 16.31 2.18 -18.34
C SER C 47 14.98 2.24 -17.60
N ALA C 48 14.29 3.30 -17.93
CA ALA C 48 12.99 3.59 -17.36
C ALA C 48 12.00 2.45 -17.65
N GLU C 49 11.96 2.00 -18.91
CA GLU C 49 11.07 0.92 -19.34
CA GLU C 49 11.03 0.92 -19.30
C GLU C 49 11.36 -0.38 -18.58
N GLU C 50 12.65 -0.64 -18.33
CA GLU C 50 13.04 -1.81 -17.58
C GLU C 50 12.59 -1.63 -16.13
N GLN C 51 12.79 -0.44 -15.56
CA GLN C 51 12.26 -0.08 -14.23
C GLN C 51 10.79 -0.34 -14.17
N ASN C 52 10.05 0.07 -15.20
CA ASN C 52 8.59 -0.13 -15.23
C ASN C 52 8.20 -1.61 -15.28
N PHE C 53 8.90 -2.40 -16.05
CA PHE C 53 8.60 -3.80 -16.14
C PHE C 53 8.88 -4.50 -14.78
N LEU C 54 10.01 -4.16 -14.18
CA LEU C 54 10.41 -4.74 -12.91
C LEU C 54 9.54 -4.35 -11.71
N GLN C 55 9.25 -3.05 -11.59
CA GLN C 55 8.41 -2.53 -10.53
C GLN C 55 7.04 -3.20 -10.53
N LEU C 56 6.52 -3.43 -11.73
CA LEU C 56 5.23 -4.03 -11.90
C LEU C 56 5.18 -5.43 -11.30
N GLN C 57 6.26 -6.19 -11.36
CA GLN C 57 6.23 -7.56 -10.84
C GLN C 57 5.95 -7.50 -9.36
N SER C 58 6.50 -6.50 -8.67
CA SER C 58 6.25 -6.36 -7.25
C SER C 58 4.97 -5.59 -6.90
N SER C 59 4.62 -4.56 -7.66
CA SER C 59 3.49 -3.73 -7.26
C SER C 59 2.19 -4.55 -7.40
N ARG C 60 2.14 -5.32 -8.47
CA ARG C 60 1.00 -6.16 -8.78
C ARG C 60 0.91 -7.39 -7.88
N SER C 61 2.05 -7.99 -7.56
CA SER C 61 2.07 -9.14 -6.67
C SER C 61 1.96 -8.78 -5.18
N ASN C 62 2.14 -7.50 -4.85
CA ASN C 62 2.25 -7.05 -3.45
C ASN C 62 3.44 -7.66 -2.67
N ARG C 63 4.44 -8.14 -3.40
CA ARG C 63 5.62 -8.81 -2.85
C ARG C 63 6.84 -7.86 -2.83
N PHE C 64 7.80 -8.11 -1.94
CA PHE C 64 8.98 -7.29 -1.77
C PHE C 64 10.13 -8.04 -2.41
N THR C 65 10.86 -7.32 -3.27
CA THR C 65 11.82 -7.95 -4.14
C THR C 65 13.17 -7.19 -4.19
N TRP C 66 14.27 -7.91 -4.08
CA TRP C 66 15.57 -7.21 -4.08
C TRP C 66 15.99 -6.87 -5.51
N MET C 67 16.79 -5.80 -5.62
CA MET C 67 17.47 -5.49 -6.85
C MET C 67 18.95 -5.42 -6.48
N GLY C 68 19.84 -5.41 -7.48
CA GLY C 68 21.30 -5.35 -7.26
C GLY C 68 21.84 -3.92 -7.04
N LEU C 69 21.30 -3.26 -6.01
CA LEU C 69 21.61 -1.86 -5.65
C LEU C 69 21.78 -1.79 -4.15
N SER C 70 22.93 -1.27 -3.69
CA SER C 70 23.24 -1.10 -2.31
C SER C 70 24.06 0.19 -2.01
N ASP C 71 24.07 0.59 -0.74
CA ASP C 71 25.00 1.64 -0.24
C ASP C 71 25.83 1.11 0.91
N LEU C 72 26.08 -0.19 0.87
CA LEU C 72 26.96 -0.85 1.81
C LEU C 72 28.35 -0.28 1.87
N ASN C 73 28.92 0.09 0.72
CA ASN C 73 30.30 0.54 0.68
CA ASN C 73 30.31 0.54 0.65
C ASN C 73 30.45 1.95 1.20
N GLN C 74 29.53 2.82 0.80
CA GLN C 74 29.59 4.21 1.20
C GLN C 74 28.17 4.68 1.52
N GLU C 75 27.90 4.77 2.81
CA GLU C 75 26.60 5.14 3.31
C GLU C 75 26.09 6.35 2.57
N GLY C 76 24.90 6.22 1.96
CA GLY C 76 24.27 7.33 1.22
C GLY C 76 24.61 7.39 -0.25
N THR C 77 25.61 6.58 -0.67
CA THR C 77 25.91 6.45 -2.08
C THR C 77 25.51 5.08 -2.65
N TRP C 78 24.48 5.08 -3.52
CA TRP C 78 23.93 3.85 -4.09
C TRP C 78 24.64 3.41 -5.35
N GLN C 79 25.01 2.15 -5.33
CA GLN C 79 25.81 1.53 -6.35
C GLN C 79 25.20 0.23 -6.80
N TRP C 80 25.10 0.05 -8.11
CA TRP C 80 24.64 -1.18 -8.68
C TRP C 80 25.76 -2.17 -8.54
N VAL C 81 25.40 -3.45 -8.51
CA VAL C 81 26.39 -4.54 -8.30
C VAL C 81 27.35 -4.71 -9.46
N ASP C 82 27.00 -4.21 -10.65
CA ASP C 82 27.91 -4.23 -11.77
C ASP C 82 28.89 -3.08 -11.68
N GLY C 83 28.85 -2.29 -10.61
CA GLY C 83 29.80 -1.19 -10.43
C GLY C 83 29.27 0.20 -10.85
N SER C 84 28.19 0.22 -11.61
CA SER C 84 27.70 1.44 -12.21
C SER C 84 27.02 2.22 -11.10
N PRO C 85 26.94 3.54 -11.27
CA PRO C 85 26.41 4.44 -10.27
C PRO C 85 24.91 4.58 -10.41
N LEU C 86 24.23 4.92 -9.32
CA LEU C 86 22.84 5.26 -9.45
C LEU C 86 22.76 6.67 -10.02
N LEU C 87 22.23 6.78 -11.23
CA LEU C 87 22.14 8.05 -11.93
C LEU C 87 21.07 8.95 -11.32
N PRO C 88 21.27 10.28 -11.38
CA PRO C 88 20.28 11.21 -10.80
C PRO C 88 18.85 11.04 -11.32
N SER C 89 18.70 10.66 -12.58
CA SER C 89 17.38 10.44 -13.20
C SER C 89 16.60 9.23 -12.67
N PHE C 90 17.26 8.39 -11.85
CA PHE C 90 16.67 7.20 -11.20
C PHE C 90 16.26 7.50 -9.77
N LYS C 91 16.60 8.69 -9.26
CA LYS C 91 16.32 8.97 -7.86
C LYS C 91 14.85 9.16 -7.56
N GLN C 92 14.11 9.51 -8.60
CA GLN C 92 12.66 9.58 -8.59
C GLN C 92 11.95 8.26 -8.28
N TYR C 93 12.62 7.13 -8.43
CA TYR C 93 11.92 5.88 -8.25
C TYR C 93 11.82 5.47 -6.78
N TRP C 94 12.59 6.10 -5.91
CA TRP C 94 12.51 5.86 -4.46
C TRP C 94 11.14 6.27 -4.02
N ASN C 95 10.48 5.46 -3.17
CA ASN C 95 9.24 5.86 -2.48
C ASN C 95 9.45 7.15 -1.68
N ARG C 96 8.37 7.89 -1.47
CA ARG C 96 8.42 9.13 -0.65
C ARG C 96 9.17 8.84 0.63
N GLY C 97 10.14 9.66 0.99
CA GLY C 97 10.85 9.52 2.24
C GLY C 97 12.02 8.56 2.20
N GLU C 98 12.19 7.86 1.08
CA GLU C 98 13.30 6.93 0.93
C GLU C 98 14.40 7.51 0.00
N PRO C 99 15.66 7.13 0.18
CA PRO C 99 16.06 6.12 1.17
C PRO C 99 16.36 6.78 2.49
N ASN C 100 16.11 6.11 3.62
CA ASN C 100 16.20 6.81 4.90
C ASN C 100 17.16 6.16 5.88
N ASN C 101 17.65 4.98 5.54
CA ASN C 101 18.62 4.30 6.37
C ASN C 101 18.12 4.04 7.78
N VAL C 102 16.82 3.90 7.94
CA VAL C 102 16.28 3.79 9.25
C VAL C 102 16.59 2.40 9.86
N GLY C 103 17.36 2.41 10.95
CA GLY C 103 17.86 1.19 11.56
C GLY C 103 19.01 0.52 10.79
N GLU C 104 19.70 1.30 9.95
CA GLU C 104 20.74 0.78 9.01
C GLU C 104 20.16 -0.05 7.89
N GLU C 105 19.87 0.60 6.77
CA GLU C 105 19.28 -0.07 5.66
C GLU C 105 20.15 0.13 4.46
N ASP C 106 20.77 -0.93 3.98
CA ASP C 106 21.77 -0.76 2.90
C ASP C 106 21.49 -1.42 1.54
N CYS C 107 20.35 -2.10 1.42
CA CYS C 107 19.98 -2.81 0.23
C CYS C 107 18.60 -2.38 -0.30
N ALA C 108 18.51 -2.20 -1.62
CA ALA C 108 17.32 -1.62 -2.23
C ALA C 108 16.36 -2.71 -2.64
N GLU C 109 15.09 -2.49 -2.35
CA GLU C 109 14.02 -3.39 -2.80
C GLU C 109 12.99 -2.67 -3.61
N PHE C 110 12.23 -3.43 -4.41
CA PHE C 110 11.00 -2.90 -4.97
C PHE C 110 9.95 -3.09 -3.90
N SER C 111 9.28 -2.02 -3.53
CA SER C 111 8.32 -2.03 -2.45
C SER C 111 7.12 -1.17 -2.79
N GLY C 112 6.04 -1.85 -3.19
CA GLY C 112 4.86 -1.18 -3.75
C GLY C 112 5.15 -0.56 -5.11
N ASN C 113 5.04 0.77 -5.18
CA ASN C 113 5.14 1.49 -6.46
C ASN C 113 6.52 2.00 -6.79
N GLY C 114 7.44 1.89 -5.87
CA GLY C 114 8.79 2.39 -6.07
C GLY C 114 9.79 1.63 -5.20
N TRP C 115 10.95 2.26 -4.92
CA TRP C 115 12.00 1.58 -4.17
C TRP C 115 12.08 1.98 -2.74
N ASN C 116 12.63 1.07 -1.94
CA ASN C 116 12.88 1.33 -0.53
C ASN C 116 14.21 0.74 -0.19
N ASP C 117 14.97 1.41 0.69
CA ASP C 117 16.09 0.74 1.36
C ASP C 117 15.63 -0.01 2.60
N ASP C 118 16.09 -1.25 2.71
CA ASP C 118 15.74 -2.13 3.81
C ASP C 118 16.96 -2.88 4.26
N LYS C 119 16.78 -3.67 5.32
CA LYS C 119 17.90 -4.33 5.96
C LYS C 119 18.29 -5.53 5.10
N CYS C 120 19.59 -5.60 4.83
CA CYS C 120 20.17 -6.57 3.92
C CYS C 120 20.03 -8.00 4.38
N ASN C 121 19.93 -8.21 5.69
CA ASN C 121 19.87 -9.56 6.24
C ASN C 121 18.43 -10.12 6.20
N LEU C 122 17.47 -9.34 5.73
CA LEU C 122 16.14 -9.85 5.56
C LEU C 122 15.92 -10.61 4.26
N ALA C 123 14.92 -11.51 4.27
CA ALA C 123 14.62 -12.39 3.16
C ALA C 123 13.51 -11.79 2.29
N LYS C 124 13.77 -11.69 1.01
CA LYS C 124 12.81 -11.15 0.06
C LYS C 124 12.92 -11.96 -1.19
N PHE C 125 11.96 -11.75 -2.07
CA PHE C 125 12.09 -12.29 -3.38
C PHE C 125 13.30 -11.66 -4.12
N TRP C 126 13.78 -12.28 -5.20
CA TRP C 126 14.85 -11.70 -6.01
C TRP C 126 14.61 -11.87 -7.52
N ILE C 127 15.27 -11.01 -8.28
CA ILE C 127 15.25 -11.08 -9.68
C ILE C 127 16.68 -11.05 -10.20
N CYS C 128 16.96 -11.99 -11.08
CA CYS C 128 18.22 -12.14 -11.78
C CYS C 128 17.99 -11.71 -13.24
N LYS C 129 19.06 -11.24 -13.84
CA LYS C 129 19.08 -10.78 -15.24
C LYS C 129 20.37 -11.27 -15.89
N LYS C 130 20.23 -11.68 -17.13
CA LYS C 130 21.39 -11.96 -17.98
C LYS C 130 20.99 -11.77 -19.43
N SER C 131 21.99 -11.74 -20.31
CA SER C 131 21.74 -11.52 -21.73
C SER C 131 21.02 -12.66 -22.41
N ALA C 132 20.12 -12.32 -23.32
CA ALA C 132 19.52 -13.34 -24.17
C ALA C 132 20.56 -13.95 -25.12
N ALA C 133 20.33 -15.19 -25.50
CA ALA C 133 21.09 -15.81 -26.56
C ALA C 133 20.48 -15.27 -27.84
N SER C 134 21.30 -15.01 -28.85
CA SER C 134 20.75 -14.72 -30.18
C SER C 134 20.54 -16.03 -30.93
N CYS C 135 19.30 -16.35 -31.28
CA CYS C 135 19.05 -17.60 -31.99
C CYS C 135 18.98 -17.46 -33.54
N LEU D 3 -11.35 16.83 -70.11
CA LEU D 3 -11.69 15.81 -69.05
C LEU D 3 -10.44 15.49 -68.21
N CYS D 4 -9.73 16.54 -67.80
CA CYS D 4 -8.50 16.39 -67.02
C CYS D 4 -8.75 16.28 -65.51
N HIS D 5 -8.28 15.17 -64.95
CA HIS D 5 -8.33 14.90 -63.51
C HIS D 5 -6.93 15.05 -62.90
N PRO D 6 -6.80 15.74 -61.78
CA PRO D 6 -5.46 15.83 -61.21
C PRO D 6 -4.89 14.48 -60.70
N CYS D 7 -5.74 13.57 -60.22
CA CYS D 7 -5.25 12.32 -59.65
C CYS D 7 -5.84 11.11 -60.34
N PRO D 8 -5.10 9.98 -60.33
CA PRO D 8 -5.74 8.77 -60.71
C PRO D 8 -7.02 8.51 -59.94
N TRP D 9 -7.88 7.80 -60.64
CA TRP D 9 -9.14 7.37 -60.12
C TRP D 9 -8.97 6.66 -58.77
N GLU D 10 -9.71 7.12 -57.76
CA GLU D 10 -9.72 6.51 -56.41
C GLU D 10 -8.66 7.09 -55.50
N TRP D 11 -7.73 7.85 -56.07
CA TRP D 11 -6.69 8.49 -55.28
C TRP D 11 -7.17 9.83 -54.70
N THR D 12 -6.54 10.24 -53.60
CA THR D 12 -6.88 11.48 -52.88
C THR D 12 -5.92 12.61 -53.22
N PHE D 13 -6.49 13.74 -53.63
CA PHE D 13 -5.74 14.97 -53.95
C PHE D 13 -5.50 15.77 -52.69
N PHE D 14 -4.26 16.21 -52.50
CA PHE D 14 -3.98 17.13 -51.43
C PHE D 14 -2.83 17.99 -51.87
N GLN D 15 -3.11 19.28 -51.93
CA GLN D 15 -2.13 20.33 -52.19
C GLN D 15 -1.15 19.96 -53.27
N GLY D 16 -1.69 19.52 -54.40
CA GLY D 16 -0.91 19.33 -55.61
C GLY D 16 -0.24 17.97 -55.75
N ASN D 17 -0.65 17.01 -54.94
CA ASN D 17 -0.18 15.63 -55.07
C ASN D 17 -1.31 14.68 -54.82
N CYS D 18 -1.09 13.43 -55.20
CA CYS D 18 -2.12 12.40 -55.15
C CYS D 18 -1.65 11.30 -54.21
N TYR D 19 -2.57 10.75 -53.45
CA TYR D 19 -2.24 9.90 -52.35
C TYR D 19 -3.14 8.70 -52.41
N PHE D 20 -2.53 7.52 -52.29
CA PHE D 20 -3.27 6.31 -52.20
C PHE D 20 -3.07 5.72 -50.81
N MET D 21 -4.18 5.41 -50.14
CA MET D 21 -4.12 4.79 -48.82
C MET D 21 -4.45 3.33 -48.96
N SER D 22 -3.53 2.47 -48.56
CA SER D 22 -3.77 1.06 -48.69
C SER D 22 -4.93 0.63 -47.82
N ASN D 23 -5.62 -0.43 -48.22
CA ASN D 23 -6.64 -1.08 -47.44
CA ASN D 23 -6.62 -1.05 -47.35
C ASN D 23 -6.15 -2.44 -46.89
N SER D 24 -4.88 -2.76 -47.12
CA SER D 24 -4.30 -3.98 -46.58
C SER D 24 -2.91 -3.65 -45.99
N GLN D 25 -2.23 -4.67 -45.48
CA GLN D 25 -0.94 -4.50 -44.81
C GLN D 25 0.22 -5.24 -45.51
N ARG D 26 1.40 -4.67 -45.45
CA ARG D 26 2.61 -5.21 -46.01
C ARG D 26 3.81 -4.72 -45.20
N ASN D 27 4.92 -5.39 -45.32
CA ASN D 27 6.14 -4.91 -44.70
C ASN D 27 6.66 -3.73 -45.54
N TRP D 28 7.70 -3.11 -45.04
CA TRP D 28 8.18 -1.87 -45.59
C TRP D 28 8.64 -2.02 -47.05
N HIS D 29 9.50 -3.01 -47.27
CA HIS D 29 9.94 -3.34 -48.61
C HIS D 29 8.81 -3.70 -49.59
N ASP D 30 7.81 -4.47 -49.17
CA ASP D 30 6.70 -4.78 -50.06
C ASP D 30 5.80 -3.56 -50.32
N SER D 31 5.74 -2.65 -49.36
CA SER D 31 5.09 -1.35 -49.54
C SER D 31 5.81 -0.50 -50.60
N ILE D 32 7.12 -0.43 -50.55
CA ILE D 32 7.86 0.24 -51.65
C ILE D 32 7.47 -0.30 -53.02
N THR D 33 7.49 -1.61 -53.10
CA THR D 33 7.17 -2.31 -54.28
C THR D 33 5.76 -2.03 -54.74
N ALA D 34 4.81 -2.13 -53.82
CA ALA D 34 3.40 -1.90 -54.17
C ALA D 34 3.17 -0.52 -54.75
N CYS D 35 3.93 0.46 -54.25
CA CYS D 35 3.79 1.83 -54.70
C CYS D 35 4.42 2.01 -56.06
N LYS D 36 5.59 1.36 -56.26
CA LYS D 36 6.22 1.39 -57.58
C LYS D 36 5.33 0.81 -58.68
N GLU D 37 4.54 -0.20 -58.34
CA GLU D 37 3.74 -0.92 -59.30
C GLU D 37 2.54 -0.17 -59.83
N VAL D 38 2.20 0.94 -59.18
CA VAL D 38 1.22 1.89 -59.66
C VAL D 38 1.87 3.25 -60.02
N GLY D 39 3.16 3.26 -60.35
CA GLY D 39 3.84 4.50 -60.78
C GLY D 39 3.98 5.60 -59.74
N ALA D 40 4.25 5.22 -58.50
CA ALA D 40 4.25 6.15 -57.42
C ALA D 40 5.30 5.76 -56.40
N GLN D 41 5.30 6.42 -55.27
CA GLN D 41 6.38 6.23 -54.34
C GLN D 41 5.86 6.17 -52.91
N LEU D 42 6.40 5.24 -52.10
CA LEU D 42 6.07 5.20 -50.67
C LEU D 42 6.28 6.58 -50.13
N VAL D 43 5.30 7.12 -49.41
CA VAL D 43 5.20 8.59 -49.26
C VAL D 43 6.46 9.29 -48.70
N VAL D 44 6.91 10.31 -49.43
CA VAL D 44 7.98 11.18 -48.98
C VAL D 44 7.35 12.52 -48.61
N ILE D 45 7.55 12.94 -47.37
CA ILE D 45 6.92 14.14 -46.86
C ILE D 45 7.83 15.36 -47.08
N LYS D 46 7.32 16.37 -47.75
CA LYS D 46 8.14 17.57 -48.06
C LYS D 46 7.78 18.82 -47.31
N SER D 47 6.63 18.86 -46.65
CA SER D 47 6.24 20.04 -45.89
C SER D 47 5.40 19.72 -44.64
N ALA D 48 5.33 20.70 -43.74
CA ALA D 48 4.52 20.67 -42.51
C ALA D 48 3.03 20.41 -42.74
N GLU D 49 2.45 21.02 -43.78
CA GLU D 49 1.05 20.86 -44.14
CA GLU D 49 1.03 20.84 -44.08
C GLU D 49 0.76 19.41 -44.53
N GLU D 50 1.68 18.88 -45.34
CA GLU D 50 1.62 17.48 -45.82
C GLU D 50 1.76 16.48 -44.65
N GLN D 51 2.69 16.75 -43.75
CA GLN D 51 2.77 15.96 -42.51
C GLN D 51 1.47 16.04 -41.74
N ASN D 52 0.90 17.23 -41.62
CA ASN D 52 -0.30 17.38 -40.81
CA ASN D 52 -0.30 17.37 -40.83
C ASN D 52 -1.43 16.54 -41.42
N PHE D 53 -1.57 16.60 -42.73
CA PHE D 53 -2.61 15.88 -43.42
C PHE D 53 -2.45 14.38 -43.28
N LEU D 54 -1.22 13.90 -43.43
CA LEU D 54 -0.97 12.47 -43.39
C LEU D 54 -1.11 11.90 -41.99
N GLN D 55 -0.55 12.60 -41.01
CA GLN D 55 -0.64 12.23 -39.60
C GLN D 55 -2.10 12.10 -39.17
N LEU D 56 -2.94 13.00 -39.69
CA LEU D 56 -4.35 12.98 -39.37
C LEU D 56 -5.10 11.80 -40.02
N GLN D 57 -4.79 11.43 -41.25
CA GLN D 57 -5.33 10.16 -41.80
C GLN D 57 -5.08 9.00 -40.85
N SER D 58 -3.84 8.90 -40.35
CA SER D 58 -3.45 7.72 -39.55
C SER D 58 -4.04 7.75 -38.18
N SER D 59 -4.02 8.91 -37.53
CA SER D 59 -4.56 9.02 -36.18
C SER D 59 -6.10 8.80 -36.18
N ARG D 60 -6.79 9.41 -37.13
CA ARG D 60 -8.26 9.25 -37.27
C ARG D 60 -8.67 7.80 -37.60
N SER D 61 -7.90 7.17 -38.46
CA SER D 61 -8.17 5.82 -38.86
C SER D 61 -7.56 4.79 -37.90
N ASN D 62 -6.81 5.27 -36.87
CA ASN D 62 -6.10 4.38 -35.97
CA ASN D 62 -5.97 4.45 -35.96
C ASN D 62 -5.35 3.24 -36.69
N ARG D 63 -4.77 3.51 -37.85
CA ARG D 63 -3.95 2.54 -38.52
C ARG D 63 -2.49 2.99 -38.41
N PHE D 64 -1.61 2.03 -38.11
CA PHE D 64 -0.17 2.22 -38.28
C PHE D 64 0.19 2.15 -39.76
N THR D 65 0.99 3.11 -40.21
CA THR D 65 1.18 3.28 -41.64
C THR D 65 2.62 3.64 -41.91
N TRP D 66 3.26 2.90 -42.80
CA TRP D 66 4.60 3.18 -43.30
C TRP D 66 4.68 4.45 -44.12
N MET D 67 5.79 5.14 -43.99
CA MET D 67 6.15 6.23 -44.91
C MET D 67 7.51 5.87 -45.50
N GLY D 68 7.94 6.63 -46.48
CA GLY D 68 9.08 6.24 -47.27
C GLY D 68 10.32 6.79 -46.61
N LEU D 69 10.57 6.31 -45.38
CA LEU D 69 11.65 6.85 -44.59
C LEU D 69 12.31 5.74 -43.82
N SER D 70 13.64 5.63 -43.96
CA SER D 70 14.41 4.61 -43.25
C SER D 70 15.77 5.06 -42.73
N ASP D 71 16.29 4.37 -41.69
CA ASP D 71 17.76 4.43 -41.44
C ASP D 71 18.48 3.07 -41.71
N LEU D 72 17.99 2.38 -42.74
CA LEU D 72 18.46 1.03 -43.13
C LEU D 72 19.91 1.08 -43.62
N ASN D 73 20.20 1.96 -44.57
CA ASN D 73 21.53 1.96 -45.14
CA ASN D 73 21.54 2.08 -45.14
C ASN D 73 22.57 2.37 -44.07
N GLN D 74 22.24 3.28 -43.16
CA GLN D 74 23.17 3.72 -42.11
C GLN D 74 22.47 4.13 -40.78
N GLU D 75 22.65 3.31 -39.75
CA GLU D 75 21.94 3.49 -38.47
C GLU D 75 22.05 4.85 -37.93
N GLY D 76 20.92 5.44 -37.51
CA GLY D 76 20.88 6.84 -37.05
C GLY D 76 20.83 7.96 -38.11
N THR D 77 21.17 7.65 -39.35
CA THR D 77 21.00 8.62 -40.43
C THR D 77 19.74 8.31 -41.25
N TRP D 78 18.70 9.11 -41.03
CA TRP D 78 17.38 8.84 -41.62
C TRP D 78 17.28 9.48 -42.99
N GLN D 79 16.84 8.67 -43.95
CA GLN D 79 16.82 9.02 -45.34
C GLN D 79 15.46 8.70 -45.93
N TRP D 80 14.90 9.65 -46.68
CA TRP D 80 13.68 9.36 -47.43
C TRP D 80 13.99 8.52 -48.63
N VAL D 81 13.02 7.76 -49.10
CA VAL D 81 13.31 6.83 -50.23
C VAL D 81 13.64 7.52 -51.54
N ASP D 82 13.38 8.82 -51.65
CA ASP D 82 13.76 9.56 -52.88
C ASP D 82 15.17 10.07 -52.82
N GLY D 83 15.89 9.82 -51.74
CA GLY D 83 17.26 10.32 -51.64
C GLY D 83 17.50 11.55 -50.77
N SER D 84 16.45 12.27 -50.39
CA SER D 84 16.61 13.41 -49.50
C SER D 84 16.82 12.97 -48.03
N PRO D 85 17.62 13.73 -47.28
CA PRO D 85 17.86 13.50 -45.86
C PRO D 85 16.68 14.01 -45.06
N LEU D 86 16.44 13.39 -43.90
CA LEU D 86 15.47 13.90 -42.99
C LEU D 86 15.95 15.23 -42.45
N LEU D 87 15.21 16.29 -42.78
CA LEU D 87 15.59 17.61 -42.31
C LEU D 87 15.45 17.73 -40.79
N PRO D 88 16.35 18.49 -40.13
CA PRO D 88 16.24 18.83 -38.71
C PRO D 88 14.90 19.44 -38.29
N SER D 89 14.29 20.24 -39.14
CA SER D 89 13.00 20.83 -38.85
C SER D 89 11.89 19.79 -38.77
N PHE D 90 12.16 18.58 -39.27
CA PHE D 90 11.19 17.48 -39.25
C PHE D 90 11.31 16.59 -38.04
N LYS D 91 12.41 16.72 -37.29
CA LYS D 91 12.59 15.90 -36.09
C LYS D 91 11.51 16.10 -35.01
N GLN D 92 10.89 17.26 -34.98
CA GLN D 92 9.78 17.49 -34.08
C GLN D 92 8.63 16.48 -34.25
N TYR D 93 8.57 15.79 -35.39
CA TYR D 93 7.43 14.88 -35.64
C TYR D 93 7.56 13.49 -35.03
N TRP D 94 8.77 13.08 -34.72
CA TRP D 94 8.95 11.88 -33.88
C TRP D 94 8.21 11.94 -32.54
N ASN D 95 7.46 10.89 -32.21
CA ASN D 95 6.92 10.75 -30.86
C ASN D 95 8.04 10.85 -29.81
N ARG D 96 7.66 11.12 -28.57
CA ARG D 96 8.62 11.28 -27.47
C ARG D 96 9.46 10.02 -27.39
N GLY D 97 10.76 10.20 -27.30
CA GLY D 97 11.68 9.09 -27.16
C GLY D 97 11.99 8.30 -28.42
N GLU D 98 11.47 8.72 -29.57
CA GLU D 98 11.83 8.08 -30.80
C GLU D 98 12.71 9.07 -31.60
N PRO D 99 13.47 8.59 -32.56
CA PRO D 99 13.62 7.17 -32.88
C PRO D 99 14.56 6.49 -31.90
N ASN D 100 14.23 5.29 -31.45
CA ASN D 100 15.01 4.66 -30.38
C ASN D 100 15.68 3.37 -30.83
N ASN D 101 15.38 2.93 -32.05
CA ASN D 101 15.99 1.74 -32.60
C ASN D 101 15.83 0.49 -31.71
N VAL D 102 14.81 0.43 -30.86
CA VAL D 102 14.66 -0.68 -29.91
C VAL D 102 14.35 -2.04 -30.61
N GLY D 103 15.31 -2.96 -30.53
CA GLY D 103 15.23 -4.22 -31.26
C GLY D 103 15.62 -4.18 -32.73
N GLU D 104 16.27 -3.08 -33.13
CA GLU D 104 16.66 -2.80 -34.50
C GLU D 104 15.39 -2.37 -35.25
N GLU D 105 15.19 -1.07 -35.33
CA GLU D 105 13.98 -0.53 -35.95
C GLU D 105 14.51 0.50 -36.96
N ASP D 106 14.28 0.23 -38.22
CA ASP D 106 14.88 1.06 -39.27
C ASP D 106 13.89 1.62 -40.30
N CYS D 107 12.57 1.43 -40.08
CA CYS D 107 11.58 1.99 -40.97
C CYS D 107 10.59 2.86 -40.18
N ALA D 108 10.15 3.96 -40.78
CA ALA D 108 9.29 4.89 -40.10
C ALA D 108 7.81 4.73 -40.46
N GLU D 109 6.96 4.89 -39.43
CA GLU D 109 5.51 4.80 -39.55
C GLU D 109 4.86 5.99 -38.86
N PHE D 110 3.62 6.27 -39.24
CA PHE D 110 2.79 7.19 -38.52
C PHE D 110 2.20 6.33 -37.41
N SER D 111 2.39 6.73 -36.18
CA SER D 111 1.91 5.96 -35.05
C SER D 111 1.45 6.93 -33.98
N GLY D 112 0.15 6.97 -33.77
CA GLY D 112 -0.42 7.85 -32.76
C GLY D 112 -0.40 9.28 -33.25
N ASN D 113 0.18 10.19 -32.48
CA ASN D 113 0.21 11.60 -32.89
C ASN D 113 1.41 12.03 -33.71
N GLY D 114 2.37 11.11 -33.91
CA GLY D 114 3.62 11.43 -34.56
C GLY D 114 4.22 10.22 -35.18
N TRP D 115 5.55 10.19 -35.28
CA TRP D 115 6.26 9.15 -35.97
C TRP D 115 6.95 8.20 -35.03
N ASN D 116 7.14 6.98 -35.51
CA ASN D 116 7.84 6.00 -34.73
C ASN D 116 8.74 5.24 -35.67
N ASP D 117 9.94 4.85 -35.21
CA ASP D 117 10.66 3.80 -35.90
C ASP D 117 10.22 2.40 -35.45
N ASP D 118 9.95 1.51 -36.40
CA ASP D 118 9.51 0.16 -36.03
C ASP D 118 10.30 -0.76 -36.90
N LYS D 119 10.07 -2.04 -36.71
CA LYS D 119 10.76 -3.09 -37.44
C LYS D 119 10.20 -3.20 -38.84
N CYS D 120 11.14 -3.26 -39.79
CA CYS D 120 10.83 -3.23 -41.23
C CYS D 120 10.08 -4.46 -41.72
N ASN D 121 10.13 -5.55 -40.94
CA ASN D 121 9.52 -6.80 -41.39
C ASN D 121 8.08 -6.95 -40.91
N LEU D 122 7.56 -5.96 -40.18
CA LEU D 122 6.17 -6.03 -39.77
C LEU D 122 5.21 -5.51 -40.86
N ALA D 123 3.97 -5.91 -40.77
CA ALA D 123 3.00 -5.59 -41.75
C ALA D 123 2.27 -4.37 -41.19
N LYS D 124 2.24 -3.29 -41.97
CA LYS D 124 1.51 -2.07 -41.64
C LYS D 124 0.79 -1.58 -42.91
N PHE D 125 -0.07 -0.58 -42.75
CA PHE D 125 -0.73 -0.01 -43.92
C PHE D 125 0.35 0.83 -44.54
N TRP D 126 0.08 1.39 -45.71
CA TRP D 126 1.07 2.24 -46.34
C TRP D 126 0.33 3.31 -47.19
N ILE D 127 1.07 4.35 -47.52
CA ILE D 127 0.57 5.41 -48.35
C ILE D 127 1.52 5.67 -49.50
N CYS D 128 0.97 5.70 -50.72
CA CYS D 128 1.73 6.01 -51.92
C CYS D 128 1.45 7.46 -52.31
N LYS D 129 2.42 8.08 -52.97
CA LYS D 129 2.33 9.48 -53.36
C LYS D 129 2.85 9.61 -54.78
N LYS D 130 2.20 10.47 -55.56
CA LYS D 130 2.70 10.93 -56.84
C LYS D 130 2.19 12.36 -57.16
N SER D 131 2.93 13.12 -57.96
CA SER D 131 2.47 14.42 -58.50
C SER D 131 1.09 14.40 -59.12
N ALA D 132 0.33 15.47 -58.89
CA ALA D 132 -0.91 15.66 -59.63
C ALA D 132 -0.53 16.09 -61.04
N ALA D 133 -1.36 15.81 -62.03
CA ALA D 133 -1.09 16.29 -63.40
C ALA D 133 -1.61 17.72 -63.52
N SER D 134 -1.31 18.38 -64.63
CA SER D 134 -1.81 19.76 -64.86
C SER D 134 -3.20 19.77 -65.49
N CYS D 135 -4.15 20.49 -64.88
CA CYS D 135 -5.51 20.62 -65.48
C CYS D 135 -5.93 22.07 -65.77
N LEU E 3 23.50 -11.38 29.91
CA LEU E 3 22.77 -11.11 28.63
C LEU E 3 22.38 -9.63 28.51
N CYS E 4 22.84 -8.98 27.45
CA CYS E 4 22.53 -7.56 27.27
C CYS E 4 21.20 -7.42 26.55
N HIS E 5 20.35 -6.54 27.08
CA HIS E 5 19.17 -6.09 26.35
C HIS E 5 19.24 -4.59 26.08
N PRO E 6 18.67 -4.15 24.96
CA PRO E 6 18.75 -2.73 24.57
C PRO E 6 18.07 -1.78 25.57
N CYS E 7 17.00 -2.23 26.21
CA CYS E 7 16.25 -1.42 27.16
C CYS E 7 16.11 -2.10 28.49
N PRO E 8 15.86 -1.31 29.54
CA PRO E 8 15.53 -2.01 30.78
C PRO E 8 14.23 -2.80 30.69
N TRP E 9 14.06 -3.72 31.62
CA TRP E 9 12.96 -4.63 31.58
C TRP E 9 11.65 -3.87 31.74
N GLU E 10 10.72 -4.17 30.84
CA GLU E 10 9.42 -3.50 30.83
C GLU E 10 9.39 -2.19 30.10
N TRP E 11 10.52 -1.64 29.70
CA TRP E 11 10.48 -0.44 28.86
C TRP E 11 10.26 -0.85 27.42
N THR E 12 9.83 0.09 26.60
CA THR E 12 9.51 -0.20 25.21
C THR E 12 10.65 0.32 24.33
N PHE E 13 11.13 -0.53 23.44
CA PHE E 13 12.15 -0.16 22.51
C PHE E 13 11.44 0.47 21.33
N PHE E 14 11.91 1.61 20.88
CA PHE E 14 11.39 2.20 19.65
C PHE E 14 12.47 3.08 19.03
N GLN E 15 12.77 2.77 17.76
CA GLN E 15 13.80 3.40 16.92
C GLN E 15 15.03 3.88 17.63
N GLY E 16 15.64 2.98 18.40
CA GLY E 16 16.92 3.24 19.06
C GLY E 16 16.85 3.86 20.44
N ASN E 17 15.64 4.15 20.92
CA ASN E 17 15.48 4.63 22.27
C ASN E 17 14.54 3.77 23.10
N CYS E 18 14.67 3.92 24.42
CA CYS E 18 13.85 3.20 25.40
C CYS E 18 12.88 4.16 26.06
N TYR E 19 11.63 3.71 26.20
CA TYR E 19 10.54 4.52 26.64
C TYR E 19 9.87 3.85 27.82
N PHE E 20 9.71 4.58 28.93
CA PHE E 20 9.00 4.13 30.10
C PHE E 20 7.65 4.84 30.14
N MET E 21 6.57 4.06 30.15
CA MET E 21 5.23 4.62 30.29
C MET E 21 4.85 4.33 31.74
N SER E 22 4.59 5.39 32.49
CA SER E 22 4.28 5.29 33.88
C SER E 22 2.93 4.64 34.03
N ASN E 23 2.71 3.97 35.15
CA ASN E 23 1.35 3.53 35.45
C ASN E 23 0.66 4.34 36.56
N SER E 24 1.32 5.40 37.02
CA SER E 24 0.73 6.29 37.97
C SER E 24 0.94 7.72 37.50
N GLN E 25 0.40 8.65 38.27
CA GLN E 25 0.36 10.05 37.88
C GLN E 25 1.21 10.93 38.77
N ARG E 26 1.86 11.94 38.19
CA ARG E 26 2.58 12.92 38.96
C ARG E 26 2.38 14.28 38.34
N ASN E 27 2.62 15.36 39.12
CA ASN E 27 2.73 16.69 38.52
C ASN E 27 3.95 16.76 37.59
N TRP E 28 4.04 17.80 36.77
CA TRP E 28 5.07 17.88 35.74
C TRP E 28 6.50 17.89 36.35
N HIS E 29 6.73 18.69 37.35
CA HIS E 29 8.08 18.74 37.93
C HIS E 29 8.43 17.41 38.58
N ASP E 30 7.48 16.75 39.20
CA ASP E 30 7.79 15.45 39.81
C ASP E 30 7.95 14.35 38.79
N SER E 31 7.38 14.53 37.59
CA SER E 31 7.58 13.66 36.48
C SER E 31 9.02 13.77 35.97
N ILE E 32 9.52 14.97 35.84
CA ILE E 32 10.95 15.22 35.55
C ILE E 32 11.87 14.54 36.52
N THR E 33 11.58 14.70 37.79
CA THR E 33 12.35 13.98 38.82
C THR E 33 12.27 12.46 38.64
N ALA E 34 11.09 11.94 38.33
CA ALA E 34 10.95 10.48 38.24
C ALA E 34 11.76 9.89 37.05
N CYS E 35 11.80 10.59 35.91
CA CYS E 35 12.61 10.21 34.84
C CYS E 35 14.12 10.27 35.21
N LYS E 36 14.59 11.36 35.80
CA LYS E 36 16.01 11.47 36.25
C LYS E 36 16.40 10.34 37.19
N GLU E 37 15.45 9.91 37.99
CA GLU E 37 15.75 8.89 38.96
C GLU E 37 15.81 7.45 38.38
N VAL E 38 15.41 7.27 37.12
CA VAL E 38 15.73 6.06 36.37
C VAL E 38 16.70 6.28 35.18
N GLY E 39 17.52 7.33 35.25
CA GLY E 39 18.55 7.65 34.23
C GLY E 39 18.00 8.07 32.89
N ALA E 40 16.86 8.74 32.93
CA ALA E 40 16.14 9.06 31.69
C ALA E 40 15.70 10.52 31.71
N GLN E 41 14.83 10.87 30.78
CA GLN E 41 14.39 12.21 30.61
C GLN E 41 12.92 12.20 30.21
N LEU E 42 12.13 13.07 30.87
CA LEU E 42 10.76 13.28 30.49
C LEU E 42 10.77 13.58 28.96
N VAL E 43 9.94 12.87 28.19
CA VAL E 43 10.25 12.60 26.79
C VAL E 43 10.39 13.89 25.97
N VAL E 44 11.48 13.98 25.19
CA VAL E 44 11.68 15.03 24.24
C VAL E 44 11.50 14.43 22.85
N ILE E 45 10.59 15.01 22.09
CA ILE E 45 10.25 14.43 20.82
C ILE E 45 11.11 15.01 19.72
N LYS E 46 11.75 14.14 18.94
CA LYS E 46 12.68 14.59 17.89
C LYS E 46 12.25 14.27 16.44
N SER E 47 11.11 13.63 16.22
CA SER E 47 10.70 13.33 14.86
C SER E 47 9.21 13.06 14.80
N ALA E 48 8.65 13.12 13.59
CA ALA E 48 7.24 12.83 13.37
C ALA E 48 6.83 11.40 13.72
N GLU E 49 7.66 10.43 13.38
CA GLU E 49 7.44 9.02 13.63
CA GLU E 49 7.26 9.05 13.65
C GLU E 49 7.31 8.79 15.16
N GLU E 50 8.19 9.47 15.89
CA GLU E 50 8.24 9.35 17.32
C GLU E 50 6.96 9.99 17.93
N GLN E 51 6.55 11.14 17.39
CA GLN E 51 5.31 11.78 17.81
C GLN E 51 4.20 10.78 17.65
N ASN E 52 4.17 10.10 16.51
CA ASN E 52 3.03 9.22 16.22
C ASN E 52 3.00 8.09 17.21
N PHE E 53 4.18 7.54 17.49
CA PHE E 53 4.32 6.48 18.44
C PHE E 53 3.83 6.91 19.84
N LEU E 54 4.26 8.06 20.29
CA LEU E 54 3.94 8.53 21.60
C LEU E 54 2.45 8.94 21.69
N GLN E 55 1.97 9.70 20.70
CA GLN E 55 0.60 10.20 20.72
C GLN E 55 -0.35 9.02 20.95
N LEU E 56 -0.04 7.96 20.23
CA LEU E 56 -0.85 6.76 20.19
C LEU E 56 -1.03 6.12 21.56
N GLN E 57 0.01 6.20 22.39
CA GLN E 57 -0.04 5.67 23.75
C GLN E 57 -1.17 6.32 24.48
N SER E 58 -1.31 7.64 24.34
CA SER E 58 -2.40 8.37 25.03
C SER E 58 -3.74 8.32 24.33
N SER E 59 -3.76 8.46 23.01
CA SER E 59 -5.03 8.47 22.30
C SER E 59 -5.79 7.12 22.48
N ARG E 60 -5.04 6.04 22.34
CA ARG E 60 -5.54 4.66 22.50
C ARG E 60 -5.98 4.38 23.93
N SER E 61 -5.20 4.84 24.91
CA SER E 61 -5.49 4.62 26.31
C SER E 61 -6.52 5.58 26.90
N ASN E 62 -6.84 6.67 26.20
CA ASN E 62 -7.63 7.76 26.74
C ASN E 62 -7.07 8.39 28.03
N ARG E 63 -5.76 8.34 28.17
CA ARG E 63 -5.11 8.94 29.29
C ARG E 63 -4.34 10.20 28.89
N PHE E 64 -4.07 11.03 29.88
CA PHE E 64 -3.44 12.31 29.68
C PHE E 64 -2.02 12.16 30.21
N THR E 65 -1.03 12.64 29.45
CA THR E 65 0.37 12.21 29.71
C THR E 65 1.33 13.32 29.44
N TRP E 66 2.18 13.61 30.42
CA TRP E 66 3.14 14.71 30.27
C TRP E 66 4.25 14.37 29.23
N MET E 67 4.72 15.41 28.59
CA MET E 67 5.95 15.41 27.85
C MET E 67 6.86 16.46 28.41
N GLY E 68 8.12 16.40 27.98
CA GLY E 68 9.15 17.28 28.51
C GLY E 68 9.19 18.61 27.76
N LEU E 69 8.08 19.34 27.83
CA LEU E 69 7.96 20.58 27.07
C LEU E 69 7.16 21.55 27.94
N SER E 70 7.68 22.79 28.01
CA SER E 70 7.04 23.86 28.79
C SER E 70 7.33 25.25 28.22
N ASP E 71 6.47 26.22 28.58
CA ASP E 71 6.74 27.65 28.43
C ASP E 71 6.82 28.31 29.79
N LEU E 72 7.31 27.57 30.78
CA LEU E 72 7.57 28.10 32.09
C LEU E 72 8.51 29.32 32.10
N ASN E 73 9.68 29.22 31.46
CA ASN E 73 10.69 30.30 31.48
C ASN E 73 10.17 31.61 30.91
N GLN E 74 9.54 31.53 29.73
CA GLN E 74 8.80 32.65 29.20
C GLN E 74 7.55 32.25 28.42
N GLU E 75 6.44 32.81 28.88
CA GLU E 75 5.14 32.57 28.30
C GLU E 75 5.11 32.66 26.78
N GLY E 76 4.51 31.69 26.12
CA GLY E 76 4.45 31.65 24.66
C GLY E 76 5.70 31.08 23.98
N THR E 77 6.79 30.89 24.70
CA THR E 77 7.96 30.24 24.09
C THR E 77 8.13 28.86 24.69
N TRP E 78 7.84 27.86 23.85
CA TRP E 78 7.82 26.46 24.27
C TRP E 78 9.16 25.83 23.98
N GLN E 79 9.74 25.23 25.02
CA GLN E 79 11.09 24.72 25.03
C GLN E 79 11.12 23.31 25.62
N TRP E 80 11.71 22.35 24.90
CA TRP E 80 11.93 20.97 25.39
C TRP E 80 12.82 21.05 26.60
N VAL E 81 12.74 20.09 27.51
CA VAL E 81 13.62 20.08 28.71
C VAL E 81 15.13 19.82 28.42
N ASP E 82 15.50 19.37 27.22
CA ASP E 82 16.92 19.26 26.88
C ASP E 82 17.41 20.59 26.28
N GLY E 83 16.55 21.60 26.32
CA GLY E 83 16.92 22.96 25.97
C GLY E 83 16.60 23.26 24.53
N SER E 84 16.19 22.26 23.78
CA SER E 84 15.98 22.44 22.34
C SER E 84 14.65 23.15 22.08
N PRO E 85 14.56 23.89 20.97
CA PRO E 85 13.37 24.67 20.72
C PRO E 85 12.26 23.83 20.13
N LEU E 86 11.04 24.32 20.29
CA LEU E 86 9.94 23.71 19.62
C LEU E 86 9.98 24.18 18.17
N LEU E 87 10.18 23.25 17.25
CA LEU E 87 10.30 23.57 15.84
C LEU E 87 8.94 23.90 15.21
N PRO E 88 8.91 24.88 14.27
CA PRO E 88 7.67 25.20 13.55
C PRO E 88 6.95 23.97 13.06
N SER E 89 7.67 22.99 12.57
CA SER E 89 7.02 21.83 11.98
C SER E 89 6.26 20.96 13.00
N PHE E 90 6.52 21.19 14.29
CA PHE E 90 5.86 20.46 15.37
C PHE E 90 4.59 21.11 15.86
N LYS E 91 4.40 22.39 15.55
CA LYS E 91 3.28 23.18 16.04
C LYS E 91 1.94 22.65 15.56
N GLN E 92 1.96 21.92 14.44
CA GLN E 92 0.81 21.17 13.97
C GLN E 92 0.29 20.12 14.92
N TYR E 93 1.06 19.70 15.90
CA TYR E 93 0.60 18.72 16.91
C TYR E 93 -0.33 19.22 18.00
N TRP E 94 -0.23 20.52 18.30
CA TRP E 94 -1.19 21.16 19.20
C TRP E 94 -2.64 20.87 18.79
N ASN E 95 -3.50 20.54 19.76
CA ASN E 95 -4.91 20.40 19.46
C ASN E 95 -5.41 21.74 18.99
N ARG E 96 -6.48 21.72 18.20
CA ARG E 96 -7.11 22.94 17.73
C ARG E 96 -7.40 23.83 18.93
N GLY E 97 -7.00 25.09 18.80
CA GLY E 97 -7.15 26.09 19.81
C GLY E 97 -6.02 26.12 20.84
N GLU E 98 -5.06 25.18 20.78
CA GLU E 98 -4.01 25.15 21.78
C GLU E 98 -2.72 25.60 21.13
N PRO E 99 -1.72 26.03 21.91
CA PRO E 99 -1.83 26.25 23.34
C PRO E 99 -2.51 27.62 23.67
N ASN E 100 -3.40 27.65 24.66
CA ASN E 100 -4.21 28.86 24.99
C ASN E 100 -3.88 29.52 26.34
N ASN E 101 -3.05 28.88 27.15
CA ASN E 101 -2.67 29.43 28.45
C ASN E 101 -3.83 29.71 29.39
N VAL E 102 -4.98 29.05 29.18
CA VAL E 102 -6.18 29.39 29.91
C VAL E 102 -6.06 29.00 31.39
N GLY E 103 -6.07 30.01 32.24
CA GLY E 103 -5.81 29.80 33.67
C GLY E 103 -4.34 29.55 33.97
N GLU E 104 -3.45 29.98 33.06
CA GLU E 104 -2.00 29.73 33.16
C GLU E 104 -1.63 28.25 33.11
N GLU E 105 -1.18 27.89 31.92
CA GLU E 105 -0.89 26.52 31.55
C GLU E 105 0.47 26.55 30.91
N ASP E 106 1.48 26.06 31.64
CA ASP E 106 2.82 26.10 31.11
C ASP E 106 3.45 24.74 30.79
N CYS E 107 2.71 23.65 30.91
CA CYS E 107 3.28 22.32 30.66
C CYS E 107 2.49 21.62 29.58
N ALA E 108 3.19 20.90 28.70
CA ALA E 108 2.57 20.21 27.55
C ALA E 108 2.20 18.75 27.86
N GLU E 109 1.03 18.34 27.37
CA GLU E 109 0.51 16.99 27.62
C GLU E 109 0.01 16.48 26.31
N PHE E 110 0.07 15.16 26.17
CA PHE E 110 -0.62 14.52 25.08
C PHE E 110 -2.05 14.39 25.61
N SER E 111 -3.01 14.67 24.75
CA SER E 111 -4.40 14.72 25.16
C SER E 111 -5.24 14.49 23.94
N GLY E 112 -5.82 13.31 23.86
CA GLY E 112 -6.61 12.94 22.68
C GLY E 112 -5.67 12.67 21.52
N ASN E 113 -5.90 13.34 20.39
CA ASN E 113 -5.11 13.15 19.22
C ASN E 113 -3.95 14.12 19.10
N GLY E 114 -3.85 15.05 20.04
CA GLY E 114 -2.72 15.96 19.96
C GLY E 114 -2.19 16.39 21.29
N TRP E 115 -1.70 17.62 21.31
CA TRP E 115 -1.11 18.21 22.50
C TRP E 115 -2.03 19.31 23.08
N ASN E 116 -1.98 19.42 24.40
CA ASN E 116 -2.63 20.51 25.08
C ASN E 116 -1.65 21.05 26.06
N ASP E 117 -1.70 22.36 26.33
CA ASP E 117 -1.09 22.95 27.52
C ASP E 117 -2.06 22.93 28.70
N ASP E 118 -1.54 22.55 29.88
CA ASP E 118 -2.34 22.35 31.06
C ASP E 118 -1.54 22.80 32.22
N LYS E 119 -2.19 22.82 33.38
CA LYS E 119 -1.58 23.26 34.60
C LYS E 119 -0.50 22.33 35.09
N CYS E 120 0.70 22.89 35.22
CA CYS E 120 1.87 22.14 35.63
C CYS E 120 1.71 21.41 36.96
N ASN E 121 0.79 21.85 37.80
CA ASN E 121 0.66 21.25 39.12
C ASN E 121 -0.34 20.10 39.16
N LEU E 122 -1.08 19.85 38.07
CA LEU E 122 -1.92 18.69 38.00
C LEU E 122 -1.18 17.34 37.77
N ALA E 123 -1.78 16.26 38.26
CA ALA E 123 -1.20 14.92 38.11
C ALA E 123 -1.63 14.30 36.79
N LYS E 124 -0.66 13.78 36.04
CA LYS E 124 -0.89 13.04 34.83
C LYS E 124 0.10 11.89 34.77
N PHE E 125 -0.14 11.00 33.85
CA PHE E 125 0.83 10.00 33.48
C PHE E 125 2.01 10.71 32.81
N TRP E 126 3.12 10.00 32.70
CA TRP E 126 4.30 10.54 32.08
C TRP E 126 5.06 9.45 31.34
N ILE E 127 5.95 9.88 30.44
CA ILE E 127 6.78 8.95 29.69
C ILE E 127 8.21 9.42 29.74
N CYS E 128 9.12 8.54 30.12
CA CYS E 128 10.54 8.84 30.03
C CYS E 128 11.17 8.21 28.83
N LYS E 129 12.26 8.82 28.38
CA LYS E 129 13.01 8.31 27.28
C LYS E 129 14.48 8.24 27.61
N LYS E 130 15.14 7.19 27.12
CA LYS E 130 16.58 7.19 27.05
C LYS E 130 17.11 6.35 25.93
N SER E 131 18.40 6.55 25.64
CA SER E 131 19.12 5.80 24.59
C SER E 131 19.08 4.32 24.87
N ALA E 132 18.84 3.54 23.83
CA ALA E 132 19.05 2.08 23.90
C ALA E 132 20.51 1.77 24.14
N ALA E 133 20.75 0.72 24.92
CA ALA E 133 22.09 0.28 25.19
C ALA E 133 22.63 -0.43 23.95
N SER E 134 23.95 -0.45 23.80
CA SER E 134 24.61 -1.13 22.68
C SER E 134 24.96 -2.54 23.10
N CYS E 135 24.24 -3.51 22.55
CA CYS E 135 24.48 -4.92 22.90
C CYS E 135 25.27 -5.71 21.82
N CYS F 4 -28.20 34.03 56.11
CA CYS F 4 -28.43 32.57 55.86
C CYS F 4 -28.07 32.18 54.41
N HIS F 5 -27.12 31.27 54.24
CA HIS F 5 -26.82 30.75 52.90
C HIS F 5 -27.24 29.29 52.75
N PRO F 6 -27.85 28.94 51.61
CA PRO F 6 -28.18 27.53 51.46
C PRO F 6 -26.90 26.63 51.44
N CYS F 7 -25.81 27.10 50.83
CA CYS F 7 -24.56 26.33 50.76
C CYS F 7 -23.39 27.05 51.39
N PRO F 8 -22.35 26.29 51.75
CA PRO F 8 -21.10 26.91 52.18
C PRO F 8 -20.46 27.73 51.07
N TRP F 9 -19.58 28.64 51.46
CA TRP F 9 -18.97 29.51 50.50
C TRP F 9 -18.17 28.68 49.47
N GLU F 10 -18.40 28.93 48.18
CA GLU F 10 -17.60 28.19 47.13
C GLU F 10 -18.23 26.90 46.68
N TRP F 11 -19.22 26.34 47.40
CA TRP F 11 -20.03 25.23 46.94
C TRP F 11 -21.08 25.75 45.95
N THR F 12 -21.50 24.96 45.01
CA THR F 12 -22.49 25.36 44.02
C THR F 12 -23.83 24.81 44.45
N PHE F 13 -24.82 25.68 44.52
CA PHE F 13 -26.20 25.25 44.77
C PHE F 13 -26.74 24.66 43.47
N PHE F 14 -27.28 23.47 43.53
CA PHE F 14 -28.02 22.94 42.39
C PHE F 14 -29.19 22.15 42.93
N GLN F 15 -30.37 22.63 42.54
CA GLN F 15 -31.63 21.96 42.77
C GLN F 15 -31.79 21.36 44.15
N GLY F 16 -31.45 22.13 45.17
CA GLY F 16 -31.75 21.78 46.55
C GLY F 16 -30.58 21.17 47.31
N ASN F 17 -29.44 21.02 46.63
CA ASN F 17 -28.23 20.50 47.30
C ASN F 17 -27.02 21.36 46.97
N CYS F 18 -25.99 21.18 47.78
CA CYS F 18 -24.73 21.85 47.63
C CYS F 18 -23.65 20.90 47.10
N TYR F 19 -22.89 21.35 46.10
CA TYR F 19 -21.88 20.54 45.41
C TYR F 19 -20.54 21.23 45.54
N PHE F 20 -19.51 20.47 45.88
CA PHE F 20 -18.15 20.97 45.91
C PHE F 20 -17.35 20.32 44.78
N MET F 21 -16.87 21.11 43.82
CA MET F 21 -16.04 20.60 42.74
C MET F 21 -14.58 20.74 43.21
N SER F 22 -13.81 19.66 43.25
CA SER F 22 -12.43 19.76 43.73
C SER F 22 -11.62 20.46 42.68
N ASN F 23 -10.55 21.07 43.11
CA ASN F 23 -9.57 21.58 42.14
CA ASN F 23 -9.54 21.66 42.23
C ASN F 23 -8.28 20.82 42.23
N SER F 24 -8.30 19.68 42.93
CA SER F 24 -7.18 18.74 42.89
C SER F 24 -7.68 17.30 42.69
N GLN F 25 -6.75 16.35 42.59
CA GLN F 25 -7.06 14.96 42.19
C GLN F 25 -6.73 14.00 43.33
N ARG F 26 -7.57 13.01 43.54
CA ARG F 26 -7.31 12.01 44.54
C ARG F 26 -7.82 10.67 44.02
N ASN F 27 -7.42 9.57 44.68
CA ASN F 27 -7.95 8.28 44.30
C ASN F 27 -9.37 8.21 44.83
N TRP F 28 -10.08 7.16 44.50
CA TRP F 28 -11.51 7.13 44.85
C TRP F 28 -11.77 7.06 46.36
N HIS F 29 -11.00 6.26 47.07
CA HIS F 29 -11.18 6.18 48.52
CA HIS F 29 -11.14 6.14 48.53
C HIS F 29 -10.77 7.46 49.24
N ASP F 30 -9.66 8.07 48.85
CA ASP F 30 -9.29 9.35 49.44
C ASP F 30 -10.36 10.45 49.19
N SER F 31 -11.07 10.34 48.05
CA SER F 31 -12.10 11.32 47.68
C SER F 31 -13.26 11.19 48.62
N ILE F 32 -13.68 9.95 48.86
CA ILE F 32 -14.65 9.67 49.89
C ILE F 32 -14.24 10.36 51.19
N THR F 33 -12.98 10.24 51.56
CA THR F 33 -12.52 10.79 52.83
C THR F 33 -12.58 12.32 52.80
N ALA F 34 -12.12 12.91 51.71
CA ALA F 34 -12.12 14.37 51.60
C ALA F 34 -13.54 14.87 51.78
N CYS F 35 -14.49 14.20 51.14
CA CYS F 35 -15.88 14.60 51.21
C CYS F 35 -16.44 14.48 52.64
N LYS F 36 -16.11 13.38 53.33
CA LYS F 36 -16.55 13.24 54.71
C LYS F 36 -16.07 14.37 55.60
N GLU F 37 -14.86 14.84 55.36
CA GLU F 37 -14.26 15.86 56.21
C GLU F 37 -14.86 17.27 56.06
N VAL F 38 -15.69 17.49 55.05
CA VAL F 38 -16.49 18.72 54.95
C VAL F 38 -17.96 18.35 55.07
N GLY F 39 -18.23 17.28 55.80
CA GLY F 39 -19.60 16.83 56.06
C GLY F 39 -20.43 16.48 54.86
N ALA F 40 -19.79 15.97 53.81
CA ALA F 40 -20.50 15.60 52.59
C ALA F 40 -20.21 14.15 52.22
N GLN F 41 -20.80 13.74 51.13
CA GLN F 41 -20.64 12.44 50.54
C GLN F 41 -20.12 12.56 49.11
N LEU F 42 -19.25 11.65 48.67
CA LEU F 42 -18.84 11.65 47.29
C LEU F 42 -20.09 11.49 46.45
N VAL F 43 -20.17 12.23 45.36
CA VAL F 43 -21.50 12.50 44.77
C VAL F 43 -22.35 11.29 44.39
N VAL F 44 -23.55 11.24 44.96
CA VAL F 44 -24.51 10.21 44.55
C VAL F 44 -25.65 10.81 43.72
N ILE F 45 -25.87 10.27 42.54
CA ILE F 45 -26.83 10.88 41.60
C ILE F 45 -28.23 10.29 41.80
N LYS F 46 -29.22 11.15 42.00
CA LYS F 46 -30.60 10.73 42.24
C LYS F 46 -31.59 11.11 41.11
N SER F 47 -31.15 11.76 40.04
CA SER F 47 -32.05 12.13 38.95
C SER F 47 -31.31 12.46 37.66
N ALA F 48 -32.03 12.31 36.55
CA ALA F 48 -31.55 12.63 35.23
C ALA F 48 -31.00 14.05 35.14
N GLU F 49 -31.73 14.99 35.77
CA GLU F 49 -31.41 16.42 35.77
CA GLU F 49 -31.38 16.41 35.71
C GLU F 49 -30.04 16.64 36.44
N GLU F 50 -29.90 16.09 37.63
CA GLU F 50 -28.64 16.13 38.35
C GLU F 50 -27.48 15.47 37.55
N GLN F 51 -27.77 14.41 36.80
CA GLN F 51 -26.74 13.79 35.97
C GLN F 51 -26.27 14.75 34.89
N ASN F 52 -27.23 15.43 34.26
CA ASN F 52 -26.90 16.39 33.20
C ASN F 52 -26.01 17.50 33.72
N PHE F 53 -26.39 18.04 34.86
CA PHE F 53 -25.59 19.02 35.57
C PHE F 53 -24.14 18.54 35.83
N LEU F 54 -23.98 17.42 36.52
CA LEU F 54 -22.65 16.89 36.85
C LEU F 54 -21.84 16.49 35.61
N GLN F 55 -22.49 15.88 34.62
CA GLN F 55 -21.78 15.49 33.43
C GLN F 55 -21.22 16.74 32.72
N LEU F 56 -21.95 17.85 32.84
CA LEU F 56 -21.57 19.09 32.16
C LEU F 56 -20.25 19.59 32.74
N GLN F 57 -20.07 19.54 34.08
CA GLN F 57 -18.82 19.97 34.69
C GLN F 57 -17.60 19.29 34.04
N SER F 58 -17.72 17.99 33.79
CA SER F 58 -16.60 17.23 33.25
C SER F 58 -16.48 17.38 31.76
N SER F 59 -17.59 17.31 31.04
CA SER F 59 -17.48 17.34 29.59
C SER F 59 -16.86 18.62 29.10
N ARG F 60 -17.24 19.75 29.72
CA ARG F 60 -16.76 21.05 29.25
C ARG F 60 -15.36 21.37 29.80
N SER F 61 -14.99 20.82 30.95
CA SER F 61 -13.64 21.03 31.48
C SER F 61 -12.59 20.05 30.91
N ASN F 62 -13.06 19.00 30.21
CA ASN F 62 -12.27 17.87 29.77
C ASN F 62 -11.52 17.22 30.95
N ARG F 63 -12.17 17.21 32.12
CA ARG F 63 -11.60 16.62 33.34
C ARG F 63 -12.30 15.30 33.69
N PHE F 64 -11.54 14.36 34.23
CA PHE F 64 -12.10 13.11 34.70
C PHE F 64 -12.40 13.25 36.15
N THR F 65 -13.62 12.88 36.53
CA THR F 65 -14.15 13.14 37.85
C THR F 65 -14.87 11.93 38.45
N TRP F 66 -14.45 11.50 39.63
CA TRP F 66 -15.13 10.45 40.38
C TRP F 66 -16.56 10.84 40.83
N MET F 67 -17.42 9.83 40.86
CA MET F 67 -18.69 9.88 41.53
C MET F 67 -18.68 8.74 42.50
N GLY F 68 -19.65 8.71 43.41
CA GLY F 68 -19.70 7.74 44.48
C GLY F 68 -20.44 6.49 44.07
N LEU F 69 -19.87 5.78 43.10
CA LEU F 69 -20.44 4.60 42.47
C LEU F 69 -19.32 3.63 42.20
N SER F 70 -19.50 2.39 42.69
CA SER F 70 -18.47 1.36 42.60
C SER F 70 -19.12 -0.03 42.48
N ASP F 71 -18.40 -0.96 41.84
CA ASP F 71 -18.68 -2.37 42.01
C ASP F 71 -17.55 -3.12 42.71
N LEU F 72 -16.90 -2.44 43.68
CA LEU F 72 -15.90 -3.06 44.49
C LEU F 72 -16.43 -4.29 45.28
N ASN F 73 -17.60 -4.16 45.87
CA ASN F 73 -18.06 -5.21 46.78
C ASN F 73 -18.43 -6.45 45.98
N GLN F 74 -19.13 -6.24 44.87
CA GLN F 74 -19.49 -7.32 44.00
C GLN F 74 -19.47 -6.95 42.52
N GLU F 75 -18.54 -7.55 41.77
CA GLU F 75 -18.32 -7.24 40.36
C GLU F 75 -19.59 -7.27 39.55
N GLY F 76 -19.79 -6.27 38.69
CA GLY F 76 -21.03 -6.16 37.93
C GLY F 76 -22.22 -5.58 38.71
N THR F 77 -22.15 -5.58 40.05
CA THR F 77 -23.21 -4.97 40.85
C THR F 77 -22.83 -3.54 41.31
N TRP F 78 -23.30 -2.56 40.56
CA TRP F 78 -22.97 -1.19 40.81
C TRP F 78 -23.84 -0.58 41.92
N GLN F 79 -23.18 -0.01 42.90
CA GLN F 79 -23.82 0.40 44.10
C GLN F 79 -23.29 1.79 44.44
N TRP F 80 -24.18 2.72 44.76
CA TRP F 80 -23.80 4.07 45.15
C TRP F 80 -23.24 4.01 46.58
N VAL F 81 -22.54 5.06 47.00
CA VAL F 81 -21.93 5.03 48.33
C VAL F 81 -22.93 5.16 49.48
N ASP F 82 -24.16 5.55 49.21
CA ASP F 82 -25.23 5.51 50.23
C ASP F 82 -25.97 4.18 50.32
N GLY F 83 -25.53 3.18 49.58
CA GLY F 83 -26.09 1.83 49.63
C GLY F 83 -27.10 1.58 48.53
N SER F 84 -27.49 2.62 47.82
CA SER F 84 -28.56 2.49 46.85
C SER F 84 -28.05 1.84 45.54
N PRO F 85 -28.91 1.06 44.87
CA PRO F 85 -28.53 0.37 43.66
C PRO F 85 -28.46 1.32 42.49
N LEU F 86 -27.71 0.96 41.45
CA LEU F 86 -27.83 1.69 40.19
C LEU F 86 -29.07 1.28 39.36
N LEU F 87 -30.00 2.20 39.20
CA LEU F 87 -31.25 1.91 38.48
C LEU F 87 -31.02 1.75 37.00
N PRO F 88 -31.73 0.80 36.36
CA PRO F 88 -31.75 0.64 34.89
C PRO F 88 -31.92 1.90 34.06
N SER F 89 -32.73 2.86 34.51
CA SER F 89 -32.85 4.13 33.76
C SER F 89 -31.52 4.92 33.66
N PHE F 90 -30.54 4.59 34.53
CA PHE F 90 -29.23 5.21 34.52
C PHE F 90 -28.16 4.50 33.66
N LYS F 91 -28.38 3.24 33.24
CA LYS F 91 -27.39 2.53 32.38
C LYS F 91 -27.08 3.24 31.06
N GLN F 92 -28.06 4.00 30.56
CA GLN F 92 -27.83 4.84 29.38
C GLN F 92 -26.62 5.80 29.52
N TYR F 93 -26.30 6.19 30.75
CA TYR F 93 -25.21 7.18 30.95
C TYR F 93 -23.79 6.62 30.69
N TRP F 94 -23.63 5.30 30.71
CA TRP F 94 -22.30 4.74 30.51
C TRP F 94 -21.93 5.04 29.08
N ASN F 95 -20.68 5.40 28.85
CA ASN F 95 -20.16 5.47 27.50
C ASN F 95 -20.29 4.11 26.85
N ARG F 96 -20.29 4.12 25.53
CA ARG F 96 -20.44 2.90 24.70
C ARG F 96 -19.33 1.89 25.02
N GLY F 97 -19.69 0.63 25.19
CA GLY F 97 -18.71 -0.37 25.58
C GLY F 97 -18.37 -0.40 27.08
N GLU F 98 -19.02 0.46 27.89
CA GLU F 98 -18.80 0.50 29.35
C GLU F 98 -20.08 0.03 30.10
N PRO F 99 -19.95 -0.46 31.33
CA PRO F 99 -18.69 -0.73 32.00
C PRO F 99 -18.08 -2.05 31.51
N ASN F 100 -16.78 -2.04 31.21
CA ASN F 100 -16.07 -3.22 30.71
C ASN F 100 -15.08 -3.88 31.69
N ASN F 101 -14.88 -3.30 32.87
CA ASN F 101 -14.03 -3.93 33.90
C ASN F 101 -12.65 -4.31 33.36
N VAL F 102 -12.11 -3.54 32.42
CA VAL F 102 -10.89 -3.92 31.75
C VAL F 102 -9.65 -3.72 32.68
N GLY F 103 -9.04 -4.86 32.97
CA GLY F 103 -7.92 -4.95 33.92
C GLY F 103 -8.36 -4.85 35.38
N GLU F 104 -9.69 -4.92 35.57
CA GLU F 104 -10.39 -4.65 36.85
C GLU F 104 -10.55 -3.15 37.09
N GLU F 105 -11.77 -2.68 36.91
CA GLU F 105 -12.10 -1.29 37.05
C GLU F 105 -13.36 -1.33 37.86
N ASP F 106 -13.28 -0.87 39.12
CA ASP F 106 -14.45 -0.91 39.98
C ASP F 106 -15.01 0.44 40.45
N CYS F 107 -14.51 1.54 39.92
CA CYS F 107 -15.02 2.87 40.33
C CYS F 107 -15.48 3.69 39.14
N ALA F 108 -16.57 4.43 39.33
CA ALA F 108 -17.18 5.12 38.18
C ALA F 108 -16.73 6.59 38.11
N GLU F 109 -16.55 7.07 36.90
CA GLU F 109 -16.04 8.42 36.63
C GLU F 109 -16.86 9.05 35.54
N PHE F 110 -17.05 10.37 35.60
CA PHE F 110 -17.54 11.13 34.45
C PHE F 110 -16.33 11.26 33.57
N SER F 111 -16.53 10.90 32.31
CA SER F 111 -15.47 10.80 31.34
C SER F 111 -16.07 11.17 29.98
N GLY F 112 -15.83 12.42 29.56
CA GLY F 112 -16.37 12.98 28.34
C GLY F 112 -17.85 13.23 28.48
N ASN F 113 -18.65 12.56 27.65
CA ASN F 113 -20.11 12.75 27.69
C ASN F 113 -20.90 11.73 28.54
N GLY F 114 -20.26 10.67 28.99
CA GLY F 114 -20.94 9.76 29.88
C GLY F 114 -20.03 9.29 30.98
N TRP F 115 -20.30 8.05 31.39
CA TRP F 115 -19.62 7.43 32.49
C TRP F 115 -18.69 6.36 31.94
N ASN F 116 -17.62 6.13 32.69
CA ASN F 116 -16.72 5.05 32.45
C ASN F 116 -16.36 4.43 33.80
N ASP F 117 -16.05 3.14 33.79
CA ASP F 117 -15.38 2.52 34.92
C ASP F 117 -13.88 2.55 34.71
N ASP F 118 -13.16 2.85 35.78
CA ASP F 118 -11.73 2.97 35.79
C ASP F 118 -11.20 2.46 37.13
N LYS F 119 -9.88 2.39 37.18
CA LYS F 119 -9.15 1.87 38.33
C LYS F 119 -9.29 2.81 39.51
N CYS F 120 -9.76 2.22 40.62
CA CYS F 120 -10.08 2.96 41.82
C CYS F 120 -8.84 3.67 42.40
N ASN F 121 -7.65 3.17 42.06
CA ASN F 121 -6.41 3.69 42.70
C ASN F 121 -5.84 4.87 41.95
N LEU F 122 -6.48 5.25 40.83
CA LEU F 122 -6.03 6.40 40.10
C LEU F 122 -6.60 7.71 40.66
N ALA F 123 -5.86 8.79 40.42
CA ALA F 123 -6.22 10.12 40.89
C ALA F 123 -7.07 10.83 39.84
N LYS F 124 -8.23 11.30 40.29
CA LYS F 124 -9.11 12.07 39.46
C LYS F 124 -9.69 13.21 40.34
N PHE F 125 -10.35 14.15 39.69
CA PHE F 125 -11.11 15.20 40.44
C PHE F 125 -12.30 14.50 41.06
N TRP F 126 -12.92 15.16 42.03
CA TRP F 126 -14.06 14.59 42.69
C TRP F 126 -15.06 15.70 43.03
N ILE F 127 -16.29 15.28 43.29
CA ILE F 127 -17.37 16.19 43.59
C ILE F 127 -18.05 15.64 44.81
N CYS F 128 -18.24 16.48 45.81
CA CYS F 128 -19.02 16.16 47.01
C CYS F 128 -20.42 16.80 46.92
N LYS F 129 -21.36 16.14 47.56
CA LYS F 129 -22.74 16.64 47.69
C LYS F 129 -23.13 16.53 49.13
N LYS F 130 -23.84 17.58 49.59
CA LYS F 130 -24.68 17.56 50.77
C LYS F 130 -25.93 18.42 50.59
N SER F 131 -26.89 18.22 51.49
CA SER F 131 -28.15 18.99 51.53
C SER F 131 -27.95 20.50 51.63
N ALA F 132 -28.80 21.27 50.93
CA ALA F 132 -28.90 22.72 51.23
C ALA F 132 -29.45 22.93 52.64
N ALA F 133 -29.08 24.04 53.28
CA ALA F 133 -29.81 24.55 54.47
C ALA F 133 -31.06 25.32 54.03
N SER F 134 -32.08 25.41 54.88
CA SER F 134 -33.30 26.19 54.54
C SER F 134 -33.18 27.67 54.93
N CYS F 135 -33.58 28.55 53.99
CA CYS F 135 -33.70 30.00 54.22
C CYS F 135 -34.89 30.55 53.41
#